data_5DP6
#
_entry.id   5DP6
#
_cell.length_a   85.840
_cell.length_b   85.709
_cell.length_c   101.315
_cell.angle_alpha   90.000
_cell.angle_beta   90.000
_cell.angle_gamma   90.000
#
_symmetry.space_group_name_H-M   'P 21 21 21'
#
loop_
_entity.id
_entity.type
_entity.pdbx_description
1 polymer '3C proteinase'
2 non-polymer 'ethyl (2Z,4S)-4-{[N-(3-cyclopropylpropanoyl)-L-phenylalanyl]amino}-5-[(3S)-2-oxopyrrolidin-3-yl]pent-2-enoate'
#
_entity_poly.entity_id   1
_entity_poly.type   'polypeptide(L)'
_entity_poly.pdbx_seq_one_letter_code
;MGPSLDFALSLLRRNVRQVQTDQGHFTMLGVRDRLAVLPRHSQPGKTIWIEHKLVNILDAVELVDEQGVNLELTLITLDT
NEKFRDITKFIPENISTASDATLVINTEHMPSMFVPVGDVVQYGFLNLSGKPTHRTMMYNFPTKAGQCGGVVTSVGKVIG
IHIGGNGRQGFCAGLKRSYFASEQLEHHHHHH
;
_entity_poly.pdbx_strand_id   A,B,C,D
#
loop_
_chem_comp.id
_chem_comp.type
_chem_comp.name
_chem_comp.formula
5EB non-polymer 'ethyl (2Z,4S)-4-{[N-(3-cyclopropylpropanoyl)-L-phenylalanyl]amino}-5-[(3S)-2-oxopyrrolidin-3-yl]pent-2-enoate' 'C26 H35 N3 O5'
#
# COMPACT_ATOMS: atom_id res chain seq x y z
N SER A 4 13.52 -18.89 -17.04
CA SER A 4 12.84 -18.89 -15.69
C SER A 4 11.52 -18.12 -15.60
N LEU A 5 11.54 -16.81 -15.68
CA LEU A 5 10.49 -16.11 -16.39
C LEU A 5 9.59 -16.99 -17.30
N ASP A 6 10.22 -17.83 -18.08
CA ASP A 6 9.52 -18.71 -18.94
C ASP A 6 8.66 -19.73 -18.19
N PHE A 7 9.27 -20.39 -17.23
CA PHE A 7 8.57 -21.34 -16.40
C PHE A 7 7.28 -20.71 -15.88
N ALA A 8 7.43 -19.59 -15.17
CA ALA A 8 6.31 -18.85 -14.60
C ALA A 8 5.24 -18.65 -15.64
N LEU A 9 5.67 -18.30 -16.86
CA LEU A 9 4.71 -18.18 -17.94
C LEU A 9 4.02 -19.47 -18.32
N SER A 10 4.74 -20.62 -18.37
CA SER A 10 4.13 -21.97 -18.73
C SER A 10 3.18 -22.31 -17.63
N LEU A 11 3.58 -22.02 -16.37
CA LEU A 11 2.73 -22.21 -15.19
C LEU A 11 1.47 -21.42 -15.30
N LEU A 12 1.64 -20.12 -15.43
CA LEU A 12 0.51 -19.20 -15.53
C LEU A 12 -0.48 -19.63 -16.55
N ARG A 13 0.05 -20.21 -17.63
CA ARG A 13 -0.71 -20.47 -18.82
C ARG A 13 -1.44 -21.78 -18.74
N ARG A 14 -0.89 -22.77 -18.03
CA ARG A 14 -1.46 -24.10 -18.00
C ARG A 14 -1.87 -24.64 -16.67
N ASN A 15 -1.56 -23.92 -15.60
CA ASN A 15 -1.77 -24.43 -14.26
C ASN A 15 -2.33 -23.46 -13.25
N VAL A 16 -2.15 -22.16 -13.44
CA VAL A 16 -2.62 -21.19 -12.46
C VAL A 16 -3.92 -20.57 -12.99
N ARG A 17 -4.97 -20.60 -12.18
CA ARG A 17 -6.30 -20.16 -12.62
C ARG A 17 -6.94 -19.19 -11.65
N GLN A 18 -7.85 -18.38 -12.17
CA GLN A 18 -8.53 -17.37 -11.39
C GLN A 18 -9.76 -18.00 -10.81
N VAL A 19 -9.93 -17.95 -9.50
CA VAL A 19 -11.12 -18.53 -8.89
C VAL A 19 -11.85 -17.57 -7.93
N GLN A 20 -13.04 -18.01 -7.54
CA GLN A 20 -13.83 -17.31 -6.57
C GLN A 20 -14.56 -18.28 -5.65
N THR A 21 -14.52 -18.01 -4.37
CA THR A 21 -15.34 -18.72 -3.44
C THR A 21 -16.23 -17.71 -2.75
N ASP A 22 -16.98 -18.15 -1.76
CA ASP A 22 -17.83 -17.27 -0.99
C ASP A 22 -16.98 -16.29 -0.22
N GLN A 23 -15.66 -16.51 -0.17
CA GLN A 23 -14.73 -15.66 0.58
C GLN A 23 -14.04 -14.57 -0.26
N GLY A 24 -14.06 -14.73 -1.58
CA GLY A 24 -13.57 -13.71 -2.49
C GLY A 24 -12.77 -14.28 -3.63
N HIS A 25 -11.83 -13.50 -4.13
CA HIS A 25 -10.98 -13.85 -5.28
C HIS A 25 -9.63 -14.41 -4.88
N PHE A 26 -9.24 -15.51 -5.52
CA PHE A 26 -8.04 -16.25 -5.21
C PHE A 26 -7.42 -16.77 -6.48
N THR A 27 -6.15 -17.10 -6.37
CA THR A 27 -5.44 -17.79 -7.40
C THR A 27 -5.43 -19.26 -6.98
N MET A 28 -5.75 -20.13 -7.93
CA MET A 28 -5.68 -21.55 -7.70
C MET A 28 -4.55 -22.15 -8.51
N LEU A 29 -3.87 -23.13 -7.93
CA LEU A 29 -2.83 -23.89 -8.65
C LEU A 29 -3.31 -25.29 -8.95
N GLY A 30 -3.36 -25.63 -10.24
CA GLY A 30 -3.68 -26.97 -10.65
C GLY A 30 -2.42 -27.82 -10.69
N VAL A 31 -2.38 -28.88 -9.91
CA VAL A 31 -1.18 -29.69 -9.80
C VAL A 31 -1.15 -30.83 -10.79
N ARG A 32 -2.22 -31.63 -10.83
CA ARG A 32 -2.31 -32.75 -11.77
C ARG A 32 -3.73 -33.26 -11.85
N ASP A 33 -4.07 -33.93 -12.95
CA ASP A 33 -5.39 -34.51 -13.13
C ASP A 33 -6.48 -33.50 -12.77
N ARG A 34 -7.27 -33.80 -11.75
CA ARG A 34 -8.31 -32.90 -11.31
C ARG A 34 -8.01 -32.38 -9.91
N LEU A 35 -6.73 -32.30 -9.57
CA LEU A 35 -6.30 -31.94 -8.22
C LEU A 35 -5.72 -30.54 -8.21
N ALA A 36 -6.30 -29.66 -7.40
CA ALA A 36 -5.79 -28.31 -7.30
C ALA A 36 -5.62 -27.96 -5.84
N VAL A 37 -4.78 -26.97 -5.59
CA VAL A 37 -4.52 -26.57 -4.23
C VAL A 37 -4.89 -25.11 -3.97
N LEU A 38 -5.52 -24.84 -2.84
CA LEU A 38 -5.98 -23.47 -2.51
C LEU A 38 -5.63 -23.12 -1.07
N PRO A 39 -5.56 -21.82 -0.72
CA PRO A 39 -5.43 -21.55 0.70
C PRO A 39 -6.62 -22.13 1.44
N ARG A 40 -6.39 -22.52 2.68
CA ARG A 40 -7.44 -23.12 3.47
C ARG A 40 -8.54 -22.11 3.78
N HIS A 41 -8.18 -20.83 3.99
CA HIS A 41 -9.16 -19.78 4.32
C HIS A 41 -9.98 -19.34 3.13
N SER A 42 -9.73 -19.92 1.95
CA SER A 42 -10.53 -19.66 0.78
C SER A 42 -11.88 -20.35 0.88
N GLN A 43 -11.96 -21.38 1.72
CA GLN A 43 -13.22 -22.06 2.02
C GLN A 43 -13.96 -22.49 0.77
N PRO A 44 -13.29 -23.30 -0.05
CA PRO A 44 -14.00 -23.88 -1.17
C PRO A 44 -14.96 -24.93 -0.67
N GLY A 45 -16.24 -24.68 -0.78
CA GLY A 45 -17.18 -25.66 -0.19
C GLY A 45 -17.32 -26.89 -1.07
N LYS A 46 -18.55 -27.11 -1.54
CA LYS A 46 -18.89 -28.22 -2.42
C LYS A 46 -18.79 -27.78 -3.89
N THR A 47 -18.62 -26.48 -4.07
CA THR A 47 -18.51 -25.88 -5.39
C THR A 47 -17.51 -24.77 -5.36
N ILE A 48 -17.11 -24.39 -6.55
CA ILE A 48 -16.19 -23.30 -6.70
C ILE A 48 -16.34 -22.72 -8.10
N TRP A 49 -16.02 -21.45 -8.20
CA TRP A 49 -15.98 -20.76 -9.40
C TRP A 49 -14.62 -20.65 -10.08
N ILE A 50 -14.48 -21.31 -11.21
CA ILE A 50 -13.24 -21.32 -11.93
C ILE A 50 -13.36 -20.57 -13.21
N GLU A 51 -12.97 -19.31 -13.17
CA GLU A 51 -12.96 -18.41 -14.33
C GLU A 51 -14.33 -18.26 -14.93
N HIS A 52 -15.33 -17.98 -14.16
CA HIS A 52 -16.59 -17.54 -14.72
C HIS A 52 -17.52 -18.78 -14.79
N LYS A 53 -17.05 -19.99 -14.50
CA LYS A 53 -17.96 -21.11 -14.50
C LYS A 53 -17.94 -21.91 -13.20
N LEU A 54 -19.14 -22.24 -12.72
CA LEU A 54 -19.31 -23.09 -11.56
C LEU A 54 -18.84 -24.51 -11.76
N VAL A 55 -17.94 -24.94 -10.89
CA VAL A 55 -17.40 -26.29 -10.93
C VAL A 55 -17.62 -26.91 -9.58
N ASN A 56 -17.96 -28.19 -9.62
CA ASN A 56 -18.22 -28.97 -8.42
C ASN A 56 -16.98 -29.55 -7.85
N ILE A 57 -16.90 -29.52 -6.54
CA ILE A 57 -15.77 -30.13 -5.86
C ILE A 57 -16.19 -31.51 -5.37
N LEU A 58 -15.47 -32.52 -5.79
CA LEU A 58 -15.77 -33.90 -5.39
C LEU A 58 -15.22 -34.25 -4.01
N ASP A 59 -14.06 -33.70 -3.64
CA ASP A 59 -13.48 -33.95 -2.32
C ASP A 59 -12.51 -32.84 -1.93
N ALA A 60 -12.53 -32.43 -0.68
CA ALA A 60 -11.62 -31.41 -0.17
C ALA A 60 -10.92 -31.98 1.05
N VAL A 61 -9.66 -31.61 1.21
CA VAL A 61 -8.86 -32.07 2.30
C VAL A 61 -8.05 -30.92 2.86
N GLU A 62 -8.28 -30.55 4.11
CA GLU A 62 -7.52 -29.48 4.75
C GLU A 62 -6.29 -30.08 5.39
N LEU A 63 -5.11 -29.69 4.90
CA LEU A 63 -3.86 -30.28 5.34
C LEU A 63 -3.44 -29.74 6.68
N VAL A 64 -3.17 -30.67 7.59
CA VAL A 64 -2.58 -30.35 8.88
C VAL A 64 -1.33 -31.21 9.08
N ASP A 65 -0.44 -30.77 9.95
CA ASP A 65 0.78 -31.52 10.18
C ASP A 65 0.58 -32.61 11.24
N GLU A 66 1.65 -33.36 11.49
CA GLU A 66 1.59 -34.51 12.38
C GLU A 66 0.92 -34.18 13.71
N GLN A 67 1.23 -33.01 14.27
CA GLN A 67 0.66 -32.62 15.55
C GLN A 67 -0.78 -32.13 15.42
N GLY A 68 -1.34 -32.18 14.21
CA GLY A 68 -2.65 -31.65 13.93
C GLY A 68 -2.70 -30.15 13.74
N VAL A 69 -1.56 -29.50 13.50
CA VAL A 69 -1.54 -28.05 13.33
C VAL A 69 -1.83 -27.66 11.89
N ASN A 70 -2.68 -26.66 11.72
CA ASN A 70 -3.02 -26.16 10.39
C ASN A 70 -1.79 -25.95 9.52
N LEU A 71 -1.92 -26.27 8.24
CA LEU A 71 -0.88 -25.95 7.27
C LEU A 71 -1.31 -24.91 6.26
N GLU A 72 -2.59 -24.49 6.33
CA GLU A 72 -3.13 -23.42 5.53
C GLU A 72 -3.28 -23.79 4.05
N LEU A 73 -3.49 -25.07 3.80
CA LEU A 73 -3.63 -25.57 2.45
C LEU A 73 -4.80 -26.53 2.41
N THR A 74 -5.54 -26.48 1.32
CA THR A 74 -6.63 -27.38 1.09
C THR A 74 -6.48 -28.00 -0.29
N LEU A 75 -6.55 -29.33 -0.33
CA LEU A 75 -6.54 -30.05 -1.59
C LEU A 75 -7.97 -30.27 -2.00
N ILE A 76 -8.30 -29.93 -3.24
CA ILE A 76 -9.65 -30.15 -3.76
C ILE A 76 -9.62 -30.93 -5.04
N THR A 77 -10.60 -31.81 -5.22
CA THR A 77 -10.75 -32.57 -6.48
C THR A 77 -11.97 -32.07 -7.26
N LEU A 78 -11.71 -31.54 -8.45
CA LEU A 78 -12.76 -30.90 -9.25
C LEU A 78 -13.46 -31.89 -10.14
N ASP A 79 -14.71 -31.59 -10.44
CA ASP A 79 -15.49 -32.39 -11.35
C ASP A 79 -15.49 -31.75 -12.72
N THR A 80 -14.47 -32.12 -13.50
CA THR A 80 -14.40 -31.71 -14.90
C THR A 80 -13.80 -32.73 -15.85
N ASN A 81 -13.83 -32.38 -17.12
CA ASN A 81 -13.24 -33.20 -18.15
C ASN A 81 -11.92 -32.67 -18.51
N GLU A 82 -11.54 -31.52 -17.97
CA GLU A 82 -10.19 -30.99 -18.14
C GLU A 82 -9.21 -31.62 -17.14
N LYS A 83 -8.00 -31.85 -17.61
CA LYS A 83 -6.93 -32.33 -16.78
C LYS A 83 -5.84 -31.30 -16.74
N PHE A 84 -5.28 -31.10 -15.55
CA PHE A 84 -4.11 -30.24 -15.39
C PHE A 84 -2.83 -30.93 -15.87
N ARG A 85 -1.95 -30.18 -16.49
CA ARG A 85 -0.62 -30.65 -16.74
C ARG A 85 0.08 -31.03 -15.41
N ASP A 86 0.68 -32.20 -15.35
CA ASP A 86 1.37 -32.67 -14.14
C ASP A 86 2.64 -31.85 -13.83
N ILE A 87 2.60 -31.07 -12.78
CA ILE A 87 3.72 -30.24 -12.38
C ILE A 87 4.28 -30.68 -11.02
N THR A 88 3.89 -31.88 -10.58
CA THR A 88 4.37 -32.46 -9.33
C THR A 88 5.88 -32.56 -9.32
N LYS A 89 6.48 -32.72 -10.50
CA LYS A 89 7.93 -32.83 -10.62
C LYS A 89 8.62 -31.50 -10.41
N PHE A 90 7.88 -30.41 -10.47
CA PHE A 90 8.44 -29.09 -10.24
C PHE A 90 8.39 -28.73 -8.77
N ILE A 91 7.60 -29.47 -8.02
CA ILE A 91 7.52 -29.28 -6.58
C ILE A 91 8.60 -30.15 -5.97
N PRO A 92 9.37 -29.58 -5.02
CA PRO A 92 10.43 -30.36 -4.39
C PRO A 92 9.91 -31.33 -3.36
N GLU A 93 10.75 -32.28 -2.94
CA GLU A 93 10.38 -33.24 -1.90
C GLU A 93 10.44 -32.67 -0.51
N ASN A 94 11.28 -31.64 -0.32
CA ASN A 94 11.41 -30.96 0.97
C ASN A 94 11.16 -29.48 0.84
N ILE A 95 10.46 -28.90 1.82
CA ILE A 95 10.13 -27.48 1.79
C ILE A 95 11.41 -26.69 1.66
N SER A 96 11.52 -25.95 0.59
CA SER A 96 12.78 -25.34 0.20
C SER A 96 12.75 -23.83 0.27
N THR A 97 13.88 -23.25 0.63
CA THR A 97 14.06 -21.80 0.49
C THR A 97 14.42 -21.46 -0.96
N ALA A 98 14.67 -20.19 -1.22
CA ALA A 98 14.95 -19.77 -2.59
C ALA A 98 15.35 -18.33 -2.60
N SER A 99 16.13 -17.96 -3.61
CA SER A 99 16.51 -16.56 -3.86
C SER A 99 15.80 -16.06 -5.07
N ASP A 100 15.41 -14.80 -5.03
CA ASP A 100 14.82 -14.16 -6.18
C ASP A 100 13.58 -14.90 -6.66
N ALA A 101 12.71 -15.23 -5.72
CA ALA A 101 11.49 -15.92 -6.07
C ALA A 101 10.56 -14.96 -6.78
N THR A 102 9.53 -15.51 -7.39
CA THR A 102 8.55 -14.73 -8.07
C THR A 102 7.19 -15.25 -7.69
N LEU A 103 6.31 -14.32 -7.37
CA LEU A 103 4.98 -14.69 -6.92
C LEU A 103 4.03 -14.54 -8.11
N VAL A 104 3.49 -15.66 -8.58
CA VAL A 104 2.62 -15.68 -9.78
C VAL A 104 1.19 -15.59 -9.33
N ILE A 105 0.56 -14.47 -9.61
CA ILE A 105 -0.82 -14.26 -9.23
C ILE A 105 -1.71 -14.27 -10.46
N ASN A 106 -2.89 -14.86 -10.34
CA ASN A 106 -3.84 -14.84 -11.43
C ASN A 106 -5.28 -14.79 -10.92
N THR A 107 -5.68 -13.60 -10.52
CA THR A 107 -7.00 -13.33 -10.00
C THR A 107 -7.75 -12.53 -11.04
N GLU A 108 -9.05 -12.49 -10.87
CA GLU A 108 -9.90 -11.68 -11.72
C GLU A 108 -9.61 -10.20 -11.51
N HIS A 109 -9.29 -9.77 -10.30
CA HIS A 109 -8.82 -8.38 -10.06
C HIS A 109 -7.33 -8.12 -10.34
N MET A 110 -6.52 -9.17 -10.33
CA MET A 110 -5.10 -9.07 -10.64
C MET A 110 -4.69 -10.24 -11.53
N PRO A 111 -4.97 -10.14 -12.83
CA PRO A 111 -4.65 -11.24 -13.71
C PRO A 111 -3.23 -11.18 -14.28
N SER A 112 -2.60 -12.35 -14.34
CA SER A 112 -1.24 -12.50 -14.84
C SER A 112 -0.28 -11.51 -14.26
N MET A 113 -0.12 -11.57 -12.95
CA MET A 113 0.68 -10.63 -12.21
C MET A 113 1.89 -11.35 -11.67
N PHE A 114 3.08 -10.83 -11.98
CA PHE A 114 4.31 -11.35 -11.41
C PHE A 114 4.87 -10.32 -10.45
N VAL A 115 5.23 -10.81 -9.26
CA VAL A 115 5.73 -9.97 -8.19
C VAL A 115 7.04 -10.56 -7.75
N PRO A 116 8.10 -9.74 -7.73
CA PRO A 116 9.41 -10.19 -7.31
C PRO A 116 9.51 -10.09 -5.83
N VAL A 117 9.07 -11.13 -5.15
CA VAL A 117 9.13 -11.16 -3.71
C VAL A 117 10.55 -11.25 -3.19
N GLY A 118 11.48 -11.70 -4.01
CA GLY A 118 12.86 -11.82 -3.59
C GLY A 118 13.18 -13.16 -2.94
N ASP A 119 13.92 -13.08 -1.82
CA ASP A 119 14.39 -14.28 -1.12
C ASP A 119 13.31 -14.80 -0.21
N VAL A 120 13.18 -16.13 -0.22
CA VAL A 120 12.19 -16.82 0.59
C VAL A 120 12.97 -17.65 1.60
N VAL A 121 12.74 -17.39 2.87
CA VAL A 121 13.51 -18.06 3.94
C VAL A 121 12.59 -18.86 4.83
N GLN A 122 13.16 -19.76 5.63
CA GLN A 122 12.36 -20.55 6.56
C GLN A 122 11.84 -19.62 7.61
N TYR A 123 10.60 -19.84 8.02
CA TYR A 123 10.02 -19.09 9.10
C TYR A 123 9.42 -20.04 10.14
N GLY A 124 8.72 -21.07 9.69
CA GLY A 124 8.18 -22.06 10.59
C GLY A 124 6.83 -21.62 11.12
N PHE A 125 6.70 -21.51 12.45
CA PHE A 125 5.42 -21.19 13.06
C PHE A 125 4.98 -19.77 12.67
N LEU A 126 3.66 -19.56 12.53
CA LEU A 126 3.14 -18.22 12.31
C LEU A 126 1.72 -18.11 12.76
N ASN A 127 1.40 -17.01 13.43
CA ASN A 127 0.04 -16.75 13.90
C ASN A 127 -0.73 -16.01 12.83
N LEU A 128 -1.54 -16.75 12.10
CA LEU A 128 -2.24 -16.21 10.99
C LEU A 128 -3.65 -15.91 11.44
N SER A 129 -3.83 -14.67 11.89
CA SER A 129 -5.15 -14.14 12.21
C SER A 129 -5.83 -15.07 13.18
N GLY A 130 -5.15 -15.43 14.26
CA GLY A 130 -5.75 -16.29 15.29
C GLY A 130 -5.56 -17.76 15.07
N LYS A 131 -5.20 -18.15 13.84
CA LYS A 131 -4.98 -19.57 13.54
C LYS A 131 -3.48 -19.90 13.55
N PRO A 132 -3.05 -20.75 14.49
CA PRO A 132 -1.62 -21.14 14.50
C PRO A 132 -1.26 -21.94 13.23
N THR A 133 -0.10 -21.67 12.64
CA THR A 133 0.26 -22.28 11.38
C THR A 133 1.73 -22.68 11.33
N HIS A 134 1.97 -23.85 10.73
CA HIS A 134 3.31 -24.37 10.59
C HIS A 134 3.84 -24.44 9.15
N ARG A 135 5.14 -24.66 9.06
CA ARG A 135 5.82 -24.88 7.80
C ARG A 135 5.74 -23.70 6.85
N THR A 136 5.64 -22.51 7.40
CA THR A 136 5.53 -21.31 6.62
C THR A 136 6.91 -20.77 6.26
N MET A 137 6.96 -20.02 5.16
CA MET A 137 8.17 -19.34 4.74
C MET A 137 7.85 -17.87 4.62
N MET A 138 8.88 -17.03 4.58
CA MET A 138 8.68 -15.60 4.57
C MET A 138 9.51 -14.92 3.50
N TYR A 139 9.00 -13.81 2.99
CA TYR A 139 9.75 -12.98 2.10
C TYR A 139 9.55 -11.56 2.54
N ASN A 140 10.59 -10.77 2.41
CA ASN A 140 10.48 -9.35 2.72
C ASN A 140 9.89 -8.53 1.56
N PHE A 141 8.60 -8.66 1.30
CA PHE A 141 7.92 -7.87 0.27
C PHE A 141 6.52 -7.53 0.76
N PRO A 142 6.06 -6.28 0.54
CA PRO A 142 4.75 -5.92 1.08
C PRO A 142 3.65 -6.46 0.19
N THR A 143 3.26 -7.70 0.43
CA THR A 143 2.17 -8.30 -0.34
C THR A 143 0.83 -7.72 0.14
N LYS A 144 -0.21 -7.83 -0.66
CA LYS A 144 -1.49 -7.18 -0.34
C LYS A 144 -2.66 -8.10 -0.53
N ALA A 145 -3.85 -7.64 -0.13
CA ALA A 145 -5.07 -8.44 -0.23
C ALA A 145 -5.35 -8.74 -1.68
N GLY A 146 -6.02 -9.84 -1.93
CA GLY A 146 -6.35 -10.27 -3.28
C GLY A 146 -5.25 -11.06 -3.96
N GLN A 147 -4.12 -11.23 -3.25
CA GLN A 147 -2.98 -11.95 -3.77
C GLN A 147 -2.87 -13.36 -3.20
N CYS A 148 -3.76 -13.75 -2.30
CA CYS A 148 -3.61 -15.06 -1.70
C CYS A 148 -3.77 -16.12 -2.76
N GLY A 149 -3.09 -17.24 -2.57
CA GLY A 149 -3.17 -18.35 -3.48
C GLY A 149 -2.08 -18.29 -4.50
N GLY A 150 -1.42 -17.14 -4.61
CA GLY A 150 -0.35 -16.98 -5.57
C GLY A 150 0.69 -18.06 -5.38
N VAL A 151 1.43 -18.34 -6.44
CA VAL A 151 2.38 -19.45 -6.45
C VAL A 151 3.78 -18.89 -6.38
N VAL A 152 4.47 -19.19 -5.28
CA VAL A 152 5.84 -18.77 -5.13
C VAL A 152 6.71 -19.70 -5.98
N THR A 153 7.51 -19.12 -6.91
CA THR A 153 8.35 -19.92 -7.79
C THR A 153 9.78 -19.40 -7.91
N SER A 154 10.71 -20.31 -8.21
CA SER A 154 12.12 -19.96 -8.38
C SER A 154 12.91 -21.07 -9.08
N VAL A 155 13.58 -20.72 -10.17
CA VAL A 155 14.38 -21.67 -10.93
C VAL A 155 13.63 -22.98 -11.16
N GLY A 156 12.55 -22.89 -11.90
CA GLY A 156 11.81 -24.06 -12.29
C GLY A 156 11.34 -24.87 -11.10
N LYS A 157 10.98 -24.18 -10.02
CA LYS A 157 10.46 -24.85 -8.85
C LYS A 157 9.27 -24.11 -8.26
N VAL A 158 8.28 -24.89 -7.85
CA VAL A 158 7.08 -24.41 -7.22
C VAL A 158 7.23 -24.72 -5.77
N ILE A 159 7.50 -23.70 -4.99
CA ILE A 159 7.93 -23.93 -3.63
C ILE A 159 6.88 -23.62 -2.58
N GLY A 160 5.91 -22.78 -2.87
CA GLY A 160 4.97 -22.37 -1.82
C GLY A 160 3.74 -21.70 -2.34
N ILE A 161 2.78 -21.44 -1.46
CA ILE A 161 1.50 -20.78 -1.81
C ILE A 161 1.25 -19.63 -0.86
N HIS A 162 1.17 -18.43 -1.39
CA HIS A 162 1.00 -17.25 -0.55
C HIS A 162 -0.26 -17.34 0.27
N ILE A 163 -0.16 -17.00 1.54
CA ILE A 163 -1.30 -17.07 2.45
C ILE A 163 -1.48 -15.84 3.36
N GLY A 164 -0.47 -15.02 3.54
CA GLY A 164 -0.61 -13.89 4.43
C GLY A 164 0.51 -12.87 4.36
N GLY A 165 0.29 -11.75 5.04
CA GLY A 165 1.25 -10.67 5.09
C GLY A 165 0.83 -9.57 6.06
N ASN A 166 1.83 -8.88 6.59
CA ASN A 166 1.62 -7.88 7.65
C ASN A 166 1.91 -6.47 7.17
N GLY A 167 1.90 -6.23 5.87
CA GLY A 167 2.13 -4.91 5.31
C GLY A 167 3.59 -4.69 4.94
N ARG A 168 4.50 -5.39 5.60
CA ARG A 168 5.93 -5.27 5.33
C ARG A 168 6.57 -6.56 4.87
N GLN A 169 5.94 -7.68 5.22
CA GLN A 169 6.41 -8.98 4.79
C GLN A 169 5.28 -9.84 4.32
N GLY A 170 5.63 -10.90 3.57
CA GLY A 170 4.65 -11.86 3.08
C GLY A 170 4.99 -13.26 3.53
N PHE A 171 3.96 -14.09 3.70
CA PHE A 171 4.16 -15.47 4.13
C PHE A 171 3.45 -16.47 3.24
N CYS A 172 4.15 -17.56 2.91
CA CYS A 172 3.58 -18.61 2.11
C CYS A 172 3.58 -19.92 2.86
N ALA A 173 2.69 -20.81 2.47
CA ALA A 173 2.67 -22.18 2.98
C ALA A 173 3.55 -23.02 2.09
N GLY A 174 4.59 -23.61 2.65
CA GLY A 174 5.54 -24.36 1.84
C GLY A 174 4.86 -25.50 1.13
N LEU A 175 5.39 -25.86 -0.04
CA LEU A 175 4.90 -27.01 -0.82
C LEU A 175 5.92 -28.14 -0.88
N LYS A 176 5.45 -29.36 -0.65
CA LYS A 176 6.28 -30.55 -0.77
C LYS A 176 5.51 -31.69 -1.50
N ARG A 177 6.24 -32.37 -2.37
CA ARG A 177 5.64 -33.32 -3.29
C ARG A 177 4.78 -34.37 -2.60
N SER A 178 5.17 -34.77 -1.41
CA SER A 178 4.44 -35.80 -0.70
C SER A 178 2.99 -35.40 -0.46
N TYR A 179 2.69 -34.10 -0.49
CA TYR A 179 1.30 -33.65 -0.32
C TYR A 179 0.38 -34.07 -1.45
N PHE A 180 0.92 -34.36 -2.64
CA PHE A 180 0.08 -34.62 -3.78
C PHE A 180 0.08 -36.04 -4.29
N ALA A 181 0.02 -37.03 -3.40
CA ALA A 181 0.03 -38.43 -3.82
C ALA A 181 -1.32 -39.07 -3.59
N PRO B 3 -0.87 -15.02 -24.01
CA PRO B 3 -0.68 -14.30 -25.29
C PRO B 3 -0.44 -12.89 -24.97
N SER B 4 0.63 -12.77 -24.33
CA SER B 4 1.36 -11.61 -24.63
C SER B 4 1.24 -10.54 -23.66
N LEU B 5 1.56 -10.78 -22.45
CA LEU B 5 2.42 -11.81 -22.03
C LEU B 5 3.74 -12.12 -22.69
N ASP B 6 3.70 -12.53 -23.96
CA ASP B 6 4.90 -12.93 -24.65
C ASP B 6 5.67 -11.69 -25.07
N PHE B 7 4.91 -10.69 -25.46
CA PHE B 7 5.50 -9.48 -25.91
C PHE B 7 6.21 -8.86 -24.73
N ALA B 8 5.47 -8.75 -23.63
CA ALA B 8 5.99 -8.23 -22.39
C ALA B 8 7.33 -8.86 -22.03
N LEU B 9 7.38 -10.19 -22.15
CA LEU B 9 8.62 -10.93 -21.83
C LEU B 9 9.74 -10.60 -22.74
N SER B 10 9.43 -10.46 -24.02
CA SER B 10 10.42 -10.11 -25.00
C SER B 10 10.90 -8.69 -24.71
N LEU B 11 9.98 -7.79 -24.45
CA LEU B 11 10.33 -6.43 -24.09
C LEU B 11 11.29 -6.41 -22.93
N LEU B 12 10.90 -7.12 -21.88
CA LEU B 12 11.66 -7.21 -20.65
C LEU B 12 13.08 -7.64 -20.88
N ARG B 13 13.22 -8.65 -21.72
CA ARG B 13 14.45 -9.36 -21.98
C ARG B 13 15.35 -8.57 -22.91
N ARG B 14 14.78 -7.79 -23.81
CA ARG B 14 15.58 -7.13 -24.85
C ARG B 14 15.62 -5.63 -24.82
N ASN B 15 14.72 -5.02 -24.07
CA ASN B 15 14.58 -3.58 -24.09
C ASN B 15 14.35 -2.89 -22.75
N VAL B 16 13.90 -3.59 -21.72
CA VAL B 16 13.61 -2.93 -20.45
C VAL B 16 14.74 -3.24 -19.50
N ARG B 17 15.35 -2.19 -18.96
CA ARG B 17 16.55 -2.35 -18.11
C ARG B 17 16.44 -1.65 -16.77
N GLN B 18 17.25 -2.09 -15.82
CA GLN B 18 17.24 -1.54 -14.48
C GLN B 18 18.28 -0.44 -14.40
N VAL B 19 17.86 0.77 -14.03
CA VAL B 19 18.81 1.86 -13.98
C VAL B 19 18.76 2.60 -12.64
N GLN B 20 19.78 3.42 -12.39
CA GLN B 20 19.88 4.27 -11.21
C GLN B 20 20.46 5.64 -11.53
N THR B 21 19.75 6.68 -11.15
CA THR B 21 20.29 8.01 -11.25
C THR B 21 20.49 8.51 -9.81
N ASP B 22 20.85 9.76 -9.68
CA ASP B 22 21.04 10.36 -8.37
C ASP B 22 19.72 10.50 -7.68
N GLN B 23 18.62 10.19 -8.39
CA GLN B 23 17.25 10.26 -7.82
C GLN B 23 16.65 8.92 -7.35
N GLY B 24 17.26 7.83 -7.78
CA GLY B 24 16.88 6.53 -7.31
C GLY B 24 16.79 5.52 -8.42
N HIS B 25 16.05 4.47 -8.15
CA HIS B 25 15.90 3.33 -9.05
C HIS B 25 14.68 3.53 -9.99
N PHE B 26 14.88 3.24 -11.27
CA PHE B 26 13.87 3.48 -12.31
C PHE B 26 13.95 2.36 -13.33
N THR B 27 12.94 2.26 -14.15
CA THR B 27 12.93 1.33 -15.25
C THR B 27 13.17 2.13 -16.51
N MET B 28 14.15 1.73 -17.30
CA MET B 28 14.44 2.41 -18.55
C MET B 28 13.96 1.57 -19.70
N LEU B 29 13.46 2.22 -20.73
CA LEU B 29 13.08 1.56 -21.98
C LEU B 29 14.00 1.96 -23.11
N GLY B 30 14.73 0.99 -23.65
CA GLY B 30 15.57 1.19 -24.79
C GLY B 30 14.75 1.01 -26.05
N VAL B 31 14.67 2.05 -26.87
CA VAL B 31 13.81 2.02 -28.04
C VAL B 31 14.53 1.53 -29.30
N ARG B 32 15.71 2.08 -29.56
CA ARG B 32 16.51 1.69 -30.73
C ARG B 32 17.91 2.23 -30.63
N ASP B 33 18.86 1.56 -31.29
CA ASP B 33 20.25 2.01 -31.32
C ASP B 33 20.72 2.30 -29.90
N ARG B 34 21.11 3.54 -29.63
CA ARG B 34 21.54 3.93 -28.30
C ARG B 34 20.56 4.89 -27.67
N LEU B 35 19.30 4.80 -28.09
CA LEU B 35 18.28 5.75 -27.67
C LEU B 35 17.35 5.09 -26.64
N ALA B 36 17.28 5.67 -25.46
CA ALA B 36 16.40 5.16 -24.42
C ALA B 36 15.55 6.27 -23.88
N VAL B 37 14.39 5.92 -23.34
CA VAL B 37 13.51 6.92 -22.79
C VAL B 37 13.34 6.72 -21.28
N LEU B 38 13.31 7.81 -20.54
CA LEU B 38 13.18 7.75 -19.08
C LEU B 38 12.20 8.80 -18.58
N PRO B 39 11.68 8.65 -17.35
CA PRO B 39 10.92 9.80 -16.87
C PRO B 39 11.82 11.01 -16.77
N ARG B 40 11.23 12.18 -16.76
CA ARG B 40 11.99 13.42 -16.69
C ARG B 40 12.52 13.62 -15.28
N HIS B 41 11.75 13.23 -14.25
CA HIS B 41 12.17 13.44 -12.86
C HIS B 41 13.27 12.50 -12.40
N SER B 42 13.57 11.53 -13.23
CA SER B 42 14.66 10.63 -12.98
C SER B 42 15.97 11.38 -13.03
N GLN B 43 16.02 12.47 -13.81
CA GLN B 43 17.18 13.36 -13.86
C GLN B 43 18.48 12.68 -14.26
N PRO B 44 18.48 12.02 -15.43
CA PRO B 44 19.73 11.44 -15.87
C PRO B 44 20.68 12.52 -16.29
N GLY B 45 21.78 12.70 -15.58
CA GLY B 45 22.62 13.86 -15.92
C GLY B 45 23.44 13.60 -17.17
N LYS B 46 24.75 13.61 -16.99
CA LYS B 46 25.71 13.30 -18.02
C LYS B 46 26.03 11.81 -18.00
N THR B 47 25.59 11.12 -16.96
CA THR B 47 25.87 9.72 -16.75
C THR B 47 24.70 9.07 -16.09
N ILE B 48 24.70 7.76 -16.17
CA ILE B 48 23.62 6.96 -15.61
C ILE B 48 24.16 5.55 -15.36
N TRP B 49 23.52 4.90 -14.42
CA TRP B 49 23.82 3.58 -14.09
C TRP B 49 22.92 2.51 -14.65
N ILE B 50 23.45 1.70 -15.54
CA ILE B 50 22.68 0.72 -16.22
C ILE B 50 23.06 -0.63 -15.76
N GLU B 51 22.25 -1.18 -14.86
CA GLU B 51 22.45 -2.49 -14.30
C GLU B 51 23.85 -2.69 -13.79
N HIS B 52 24.35 -1.85 -12.93
CA HIS B 52 25.55 -2.14 -12.18
C HIS B 52 26.75 -1.47 -12.88
N LYS B 53 26.59 -0.89 -14.07
CA LYS B 53 27.71 -0.23 -14.69
C LYS B 53 27.41 1.20 -15.11
N LEU B 54 28.36 2.10 -14.86
CA LEU B 54 28.29 3.48 -15.30
C LEU B 54 28.36 3.65 -16.78
N VAL B 55 27.39 4.35 -17.33
CA VAL B 55 27.33 4.64 -18.75
C VAL B 55 27.21 6.13 -18.96
N ASN B 56 27.93 6.63 -19.97
CA ASN B 56 27.87 8.06 -20.31
C ASN B 56 26.71 8.38 -21.18
N ILE B 57 26.04 9.48 -20.86
CA ILE B 57 24.98 9.96 -21.71
C ILE B 57 25.56 11.02 -22.63
N LEU B 58 25.45 10.79 -23.93
CA LEU B 58 25.93 11.73 -24.93
C LEU B 58 24.98 12.91 -25.15
N ASP B 59 23.68 12.71 -25.05
CA ASP B 59 22.71 13.78 -25.21
C ASP B 59 21.41 13.45 -24.52
N ALA B 60 20.79 14.46 -23.91
CA ALA B 60 19.51 14.29 -23.27
C ALA B 60 18.54 15.35 -23.78
N VAL B 61 17.28 14.97 -23.91
CA VAL B 61 16.28 15.88 -24.43
C VAL B 61 15.01 15.73 -23.63
N GLU B 62 14.62 16.80 -22.92
CA GLU B 62 13.40 16.78 -22.15
C GLU B 62 12.26 17.19 -23.04
N LEU B 63 11.31 16.28 -23.24
CA LEU B 63 10.23 16.51 -24.19
C LEU B 63 9.18 17.41 -23.60
N VAL B 64 8.85 18.45 -24.36
CA VAL B 64 7.74 19.35 -24.04
C VAL B 64 6.83 19.49 -25.25
N ASP B 65 5.56 19.77 -25.03
CA ASP B 65 4.62 19.88 -26.12
C ASP B 65 4.72 21.25 -26.78
N GLU B 66 3.90 21.46 -27.81
CA GLU B 66 3.94 22.66 -28.62
C GLU B 66 3.88 23.94 -27.78
N GLN B 67 3.08 23.91 -26.72
CA GLN B 67 2.94 25.08 -25.85
C GLN B 67 4.10 25.20 -24.85
N GLY B 68 5.07 24.31 -24.94
CA GLY B 68 6.19 24.28 -24.01
C GLY B 68 5.87 23.60 -22.69
N VAL B 69 4.78 22.84 -22.61
CA VAL B 69 4.40 22.16 -21.38
C VAL B 69 5.09 20.81 -21.26
N ASN B 70 5.55 20.52 -20.05
CA ASN B 70 6.23 19.27 -19.75
C ASN B 70 5.45 18.06 -20.24
N LEU B 71 6.18 17.07 -20.75
CA LEU B 71 5.59 15.78 -21.08
C LEU B 71 6.06 14.65 -20.16
N GLU B 72 7.01 14.99 -19.27
CA GLU B 72 7.51 14.08 -18.27
C GLU B 72 8.33 12.93 -18.88
N LEU B 73 8.93 13.20 -20.03
CA LEU B 73 9.76 12.23 -20.70
C LEU B 73 11.07 12.86 -21.10
N THR B 74 12.12 12.07 -21.01
CA THR B 74 13.42 12.49 -21.44
C THR B 74 14.00 11.47 -22.36
N LEU B 75 14.55 11.94 -23.48
CA LEU B 75 15.27 11.09 -24.40
C LEU B 75 16.76 11.22 -24.14
N ILE B 76 17.45 10.09 -23.99
CA ILE B 76 18.88 10.09 -23.73
C ILE B 76 19.61 9.20 -24.71
N THR B 77 20.77 9.65 -25.17
CA THR B 77 21.62 8.83 -26.03
C THR B 77 22.80 8.28 -25.23
N LEU B 78 22.91 6.97 -25.16
CA LEU B 78 23.95 6.33 -24.36
C LEU B 78 25.21 6.13 -25.15
N ASP B 79 26.34 6.17 -24.46
CA ASP B 79 27.62 5.92 -25.07
C ASP B 79 28.02 4.48 -24.86
N THR B 80 27.49 3.55 -25.65
CA THR B 80 27.83 2.11 -25.53
C THR B 80 28.12 1.47 -26.87
N ASN B 81 28.47 0.20 -26.83
CA ASN B 81 28.63 -0.58 -28.06
C ASN B 81 27.46 -1.50 -28.25
N GLU B 82 26.59 -1.60 -27.26
CA GLU B 82 25.34 -2.34 -27.38
C GLU B 82 24.26 -1.53 -28.12
N LYS B 83 23.49 -2.22 -28.94
CA LYS B 83 22.35 -1.62 -29.61
C LYS B 83 21.05 -2.24 -29.15
N PHE B 84 20.08 -1.39 -28.88
CA PHE B 84 18.75 -1.89 -28.53
C PHE B 84 18.04 -2.44 -29.76
N ARG B 85 17.34 -3.55 -29.62
CA ARG B 85 16.40 -4.00 -30.65
C ARG B 85 15.42 -2.85 -30.93
N ASP B 86 15.18 -2.55 -32.21
CA ASP B 86 14.24 -1.49 -32.60
C ASP B 86 12.79 -1.91 -32.31
N ILE B 87 12.12 -1.15 -31.47
CA ILE B 87 10.73 -1.42 -31.10
C ILE B 87 9.83 -0.22 -31.40
N THR B 88 10.33 0.71 -32.22
CA THR B 88 9.58 1.88 -32.65
C THR B 88 8.31 1.48 -33.36
N LYS B 89 8.30 0.27 -33.92
CA LYS B 89 7.13 -0.24 -34.63
C LYS B 89 6.06 -0.72 -33.72
N PHE B 90 6.40 -0.95 -32.45
CA PHE B 90 5.41 -1.39 -31.47
C PHE B 90 4.77 -0.22 -30.75
N ILE B 91 5.36 0.96 -30.99
CA ILE B 91 4.82 2.22 -30.48
C ILE B 91 3.90 2.76 -31.55
N PRO B 92 2.71 3.31 -31.17
CA PRO B 92 1.80 3.78 -32.17
C PRO B 92 2.06 5.21 -32.54
N GLU B 93 1.49 5.64 -33.67
CA GLU B 93 1.67 7.02 -34.13
C GLU B 93 0.86 8.00 -33.35
N ASN B 94 -0.20 7.53 -32.69
CA ASN B 94 -1.05 8.37 -31.86
C ASN B 94 -1.19 7.84 -30.47
N ILE B 95 -1.16 8.72 -29.49
CA ILE B 95 -1.27 8.28 -28.10
C ILE B 95 -2.56 7.50 -27.97
N SER B 96 -2.45 6.24 -27.58
CA SER B 96 -3.55 5.31 -27.64
C SER B 96 -4.01 4.84 -26.28
N THR B 97 -5.31 4.63 -26.14
CA THR B 97 -5.84 3.96 -24.96
C THR B 97 -5.66 2.44 -25.11
N ALA B 98 -6.15 1.67 -24.14
CA ALA B 98 -5.97 0.23 -24.17
C ALA B 98 -6.75 -0.43 -23.08
N SER B 99 -7.13 -1.69 -23.30
CA SER B 99 -7.81 -2.50 -22.30
C SER B 99 -6.85 -3.50 -21.72
N ASP B 100 -7.00 -3.79 -20.44
CA ASP B 100 -6.19 -4.83 -19.85
C ASP B 100 -4.70 -4.62 -20.16
N ALA B 101 -4.18 -3.46 -19.81
CA ALA B 101 -2.77 -3.18 -20.02
C ALA B 101 -1.95 -3.86 -18.94
N THR B 102 -0.65 -3.91 -19.19
CA THR B 102 0.29 -4.49 -18.26
C THR B 102 1.50 -3.59 -18.08
N LEU B 103 1.89 -3.40 -16.84
CA LEU B 103 2.95 -2.48 -16.55
C LEU B 103 4.21 -3.30 -16.28
N VAL B 104 5.18 -3.20 -17.19
CA VAL B 104 6.41 -3.98 -17.13
C VAL B 104 7.44 -3.21 -16.38
N ILE B 105 7.78 -3.66 -15.19
CA ILE B 105 8.73 -2.96 -14.35
C ILE B 105 10.00 -3.76 -14.23
N ASN B 106 11.14 -3.09 -14.25
CA ASN B 106 12.41 -3.78 -14.09
C ASN B 106 13.42 -2.92 -13.35
N THR B 107 13.28 -2.93 -12.03
CA THR B 107 14.11 -2.16 -11.14
C THR B 107 14.93 -3.15 -10.36
N GLU B 108 16.01 -2.64 -9.83
CA GLU B 108 16.83 -3.42 -8.92
C GLU B 108 16.06 -3.86 -7.69
N HIS B 109 15.14 -3.06 -7.21
CA HIS B 109 14.26 -3.47 -6.10
C HIS B 109 12.98 -4.22 -6.53
N MET B 110 12.58 -4.07 -7.80
CA MET B 110 11.41 -4.77 -8.33
C MET B 110 11.76 -5.25 -9.70
N PRO B 111 12.46 -6.37 -9.78
CA PRO B 111 12.91 -6.92 -11.05
C PRO B 111 11.88 -7.84 -11.76
N SER B 112 11.75 -7.67 -13.06
CA SER B 112 10.83 -8.43 -13.86
C SER B 112 9.49 -8.57 -13.21
N MET B 113 8.84 -7.44 -13.00
CA MET B 113 7.55 -7.37 -12.36
C MET B 113 6.49 -6.99 -13.39
N PHE B 114 5.43 -7.79 -13.48
CA PHE B 114 4.29 -7.46 -14.32
C PHE B 114 3.12 -7.12 -13.45
N VAL B 115 2.49 -5.99 -13.78
CA VAL B 115 1.38 -5.47 -13.02
C VAL B 115 0.21 -5.26 -13.96
N PRO B 116 -0.93 -5.88 -13.64
CA PRO B 116 -2.13 -5.68 -14.44
C PRO B 116 -2.84 -4.40 -14.08
N VAL B 117 -2.39 -3.32 -14.67
CA VAL B 117 -3.01 -2.05 -14.40
C VAL B 117 -4.44 -1.95 -14.92
N GLY B 118 -4.81 -2.83 -15.82
CA GLY B 118 -6.14 -2.82 -16.37
C GLY B 118 -6.28 -1.91 -17.60
N ASP B 119 -7.33 -1.08 -17.59
CA ASP B 119 -7.64 -0.19 -18.70
C ASP B 119 -7.01 1.17 -18.58
N VAL B 120 -6.47 1.64 -19.69
CA VAL B 120 -5.75 2.89 -19.75
C VAL B 120 -6.60 3.85 -20.55
N VAL B 121 -6.95 4.98 -19.96
CA VAL B 121 -7.88 5.92 -20.60
C VAL B 121 -7.27 7.29 -20.72
N GLN B 122 -7.79 8.12 -21.63
CA GLN B 122 -7.25 9.47 -21.82
C GLN B 122 -7.47 10.25 -20.56
N TYR B 123 -6.47 11.01 -20.16
CA TYR B 123 -6.61 11.88 -19.01
C TYR B 123 -6.20 13.30 -19.36
N GLY B 124 -5.10 13.47 -20.07
CA GLY B 124 -4.71 14.78 -20.57
C GLY B 124 -3.89 15.52 -19.54
N PHE B 125 -4.41 16.65 -19.03
CA PHE B 125 -3.66 17.46 -18.10
C PHE B 125 -3.54 16.77 -16.74
N LEU B 126 -2.41 16.96 -16.06
CA LEU B 126 -2.25 16.42 -14.72
C LEU B 126 -1.22 17.16 -13.93
N ASN B 127 -1.53 17.55 -12.69
CA ASN B 127 -0.58 18.27 -11.85
C ASN B 127 0.30 17.28 -11.09
N LEU B 128 1.48 17.08 -11.64
CA LEU B 128 2.38 16.08 -11.12
C LEU B 128 3.33 16.72 -10.12
N SER B 129 2.89 16.83 -8.87
CA SER B 129 3.76 17.32 -7.80
C SER B 129 4.23 18.73 -8.11
N GLY B 130 3.32 19.60 -8.52
CA GLY B 130 3.70 20.98 -8.84
C GLY B 130 4.03 21.25 -10.29
N LYS B 131 4.41 20.23 -11.04
CA LYS B 131 4.75 20.39 -12.46
C LYS B 131 3.54 20.07 -13.36
N PRO B 132 3.04 21.07 -14.09
CA PRO B 132 1.90 20.82 -15.00
C PRO B 132 2.29 19.90 -16.15
N THR B 133 1.49 18.88 -16.43
CA THR B 133 1.88 17.88 -17.40
C THR B 133 0.77 17.60 -18.39
N HIS B 134 1.14 17.39 -19.65
CA HIS B 134 0.18 17.05 -20.69
C HIS B 134 0.35 15.64 -21.29
N ARG B 135 -0.69 15.21 -21.98
CA ARG B 135 -0.72 13.96 -22.72
C ARG B 135 -0.62 12.73 -21.86
N THR B 136 -1.13 12.81 -20.63
CA THR B 136 -1.06 11.70 -19.70
C THR B 136 -2.26 10.80 -19.85
N MET B 137 -2.09 9.54 -19.42
CA MET B 137 -3.18 8.58 -19.38
C MET B 137 -3.31 8.04 -17.98
N MET B 138 -4.47 7.44 -17.67
CA MET B 138 -4.78 6.98 -16.32
C MET B 138 -5.22 5.53 -16.29
N TYR B 139 -4.85 4.84 -15.23
CA TYR B 139 -5.34 3.50 -14.97
C TYR B 139 -5.71 3.41 -13.51
N ASN B 140 -6.79 2.70 -13.22
CA ASN B 140 -7.26 2.58 -11.84
C ASN B 140 -6.57 1.47 -11.10
N PHE B 141 -5.30 1.65 -10.83
CA PHE B 141 -4.54 0.66 -10.08
C PHE B 141 -3.65 1.38 -9.08
N PRO B 142 -3.55 0.87 -7.85
CA PRO B 142 -2.71 1.59 -6.90
C PRO B 142 -1.25 1.27 -7.12
N THR B 143 -0.61 2.04 -7.97
CA THR B 143 0.82 1.90 -8.21
C THR B 143 1.61 2.57 -7.08
N LYS B 144 2.88 2.23 -6.96
CA LYS B 144 3.66 2.67 -5.81
C LYS B 144 5.02 3.17 -6.23
N ALA B 145 5.77 3.69 -5.27
CA ALA B 145 7.11 4.22 -5.50
C ALA B 145 8.03 3.12 -5.98
N GLY B 146 9.02 3.48 -6.79
CA GLY B 146 9.97 2.54 -7.34
C GLY B 146 9.50 1.89 -8.62
N GLN B 147 8.30 2.24 -9.04
CA GLN B 147 7.71 1.71 -10.27
C GLN B 147 7.81 2.67 -11.46
N CYS B 148 8.30 3.89 -11.21
CA CYS B 148 8.33 4.87 -12.29
C CYS B 148 9.25 4.32 -13.35
N GLY B 149 8.90 4.64 -14.60
CA GLY B 149 9.66 4.20 -15.74
C GLY B 149 9.09 2.95 -16.35
N GLY B 150 8.22 2.28 -15.62
CA GLY B 150 7.61 1.07 -16.13
C GLY B 150 6.97 1.35 -17.49
N VAL B 151 6.87 0.32 -18.31
CA VAL B 151 6.37 0.43 -19.66
C VAL B 151 4.96 -0.13 -19.72
N VAL B 152 4.01 0.72 -20.08
CA VAL B 152 2.64 0.29 -20.24
C VAL B 152 2.49 -0.39 -21.61
N THR B 153 2.02 -1.64 -21.61
CA THR B 153 1.85 -2.39 -22.87
C THR B 153 0.47 -3.04 -23.00
N SER B 154 0.03 -3.25 -24.24
CA SER B 154 -1.21 -3.96 -24.50
C SER B 154 -1.26 -4.47 -25.93
N VAL B 155 -1.51 -5.77 -26.08
CA VAL B 155 -1.60 -6.40 -27.40
C VAL B 155 -0.46 -5.93 -28.32
N GLY B 156 0.75 -6.28 -27.95
CA GLY B 156 1.91 -5.99 -28.79
C GLY B 156 2.10 -4.51 -29.05
N LYS B 157 1.77 -3.68 -28.07
CA LYS B 157 1.94 -2.24 -28.20
C LYS B 157 2.50 -1.61 -26.92
N VAL B 158 3.45 -0.71 -27.13
CA VAL B 158 4.08 0.02 -26.05
C VAL B 158 3.43 1.37 -26.09
N ILE B 159 2.59 1.65 -25.12
CA ILE B 159 1.74 2.82 -25.21
C ILE B 159 2.02 3.91 -24.21
N GLY B 160 2.84 3.69 -23.20
CA GLY B 160 3.09 4.72 -22.18
C GLY B 160 4.21 4.39 -21.22
N ILE B 161 4.64 5.38 -20.45
CA ILE B 161 5.69 5.24 -19.46
C ILE B 161 5.19 5.74 -18.13
N HIS B 162 5.14 4.88 -17.14
CA HIS B 162 4.59 5.27 -15.85
C HIS B 162 5.36 6.41 -15.21
N ILE B 163 4.64 7.39 -14.68
CA ILE B 163 5.25 8.58 -14.09
C ILE B 163 4.72 8.97 -12.70
N GLY B 164 3.50 8.62 -12.37
CA GLY B 164 2.93 9.05 -11.10
C GLY B 164 1.70 8.31 -10.65
N GLY B 165 1.30 8.56 -9.41
CA GLY B 165 0.10 7.96 -8.82
C GLY B 165 -0.31 8.57 -7.49
N ASN B 166 -1.60 8.48 -7.19
CA ASN B 166 -2.19 9.10 -6.00
C ASN B 166 -2.65 8.12 -4.94
N GLY B 167 -2.08 6.92 -4.94
CA GLY B 167 -2.46 5.89 -4.00
C GLY B 167 -3.65 5.09 -4.49
N ARG B 168 -4.49 5.68 -5.35
CA ARG B 168 -5.66 4.98 -5.88
C ARG B 168 -5.60 4.76 -7.37
N GLN B 169 -4.85 5.60 -8.07
CA GLN B 169 -4.71 5.49 -9.51
C GLN B 169 -3.27 5.74 -9.92
N GLY B 170 -2.95 5.34 -11.17
CA GLY B 170 -1.65 5.57 -11.76
C GLY B 170 -1.73 6.37 -13.05
N PHE B 171 -0.71 7.17 -13.31
CA PHE B 171 -0.65 7.96 -14.53
C PHE B 171 0.61 7.74 -15.32
N CYS B 172 0.46 7.63 -16.62
CA CYS B 172 1.60 7.42 -17.50
C CYS B 172 1.66 8.54 -18.51
N ALA B 173 2.84 8.73 -19.07
CA ALA B 173 3.04 9.66 -20.15
C ALA B 173 2.88 8.92 -21.45
N GLY B 174 1.92 9.30 -22.26
CA GLY B 174 1.68 8.60 -23.52
C GLY B 174 2.94 8.53 -24.36
N LEU B 175 3.03 7.51 -25.20
CA LEU B 175 4.09 7.36 -26.18
C LEU B 175 3.56 7.35 -27.61
N LYS B 176 4.24 8.10 -28.48
CA LYS B 176 3.94 8.14 -29.90
C LYS B 176 5.23 8.14 -30.75
N ARG B 177 5.18 7.39 -31.83
CA ARG B 177 6.39 7.08 -32.58
C ARG B 177 7.16 8.32 -32.98
N SER B 178 6.44 9.37 -33.31
CA SER B 178 7.08 10.59 -33.77
C SER B 178 8.14 11.08 -32.80
N TYR B 179 8.02 10.77 -31.52
CA TYR B 179 9.01 11.17 -30.52
C TYR B 179 10.39 10.59 -30.77
N PHE B 180 10.49 9.46 -31.48
CA PHE B 180 11.74 8.77 -31.61
C PHE B 180 12.38 8.81 -32.98
N ALA B 181 12.24 9.91 -33.71
CA ALA B 181 12.89 10.09 -34.99
C ALA B 181 14.12 10.99 -34.90
N PRO C 3 15.09 10.94 27.26
CA PRO C 3 15.06 12.41 27.48
C PRO C 3 14.41 13.25 26.30
N SER C 4 15.01 12.97 25.19
CA SER C 4 14.88 13.82 24.08
C SER C 4 13.79 13.23 23.21
N LEU C 5 13.71 11.92 23.27
CA LEU C 5 12.50 11.09 23.17
C LEU C 5 11.12 11.60 23.63
N ASP C 6 11.12 12.19 24.81
CA ASP C 6 9.95 12.84 25.33
C ASP C 6 9.58 14.08 24.55
N PHE C 7 10.60 14.84 24.13
CA PHE C 7 10.31 16.00 23.28
C PHE C 7 9.62 15.60 21.96
N ALA C 8 10.15 14.56 21.31
CA ALA C 8 9.55 13.97 20.09
C ALA C 8 8.09 13.57 20.30
N LEU C 9 7.83 12.93 21.44
CA LEU C 9 6.49 12.51 21.82
C LEU C 9 5.52 13.66 21.99
N SER C 10 5.99 14.71 22.65
CA SER C 10 5.19 15.91 22.88
C SER C 10 4.84 16.57 21.56
N LEU C 11 5.85 16.65 20.69
CA LEU C 11 5.66 17.11 19.31
C LEU C 11 4.58 16.32 18.58
N LEU C 12 4.73 15.00 18.61
CA LEU C 12 3.80 14.07 17.98
C LEU C 12 2.35 14.32 18.45
N ARG C 13 2.22 14.50 19.75
CA ARG C 13 0.93 14.57 20.39
C ARG C 13 0.23 15.90 20.07
N ARG C 14 0.99 17.00 20.10
CA ARG C 14 0.41 18.35 20.02
C ARG C 14 0.53 19.04 18.67
N ASN C 15 1.51 18.65 17.85
CA ASN C 15 1.91 19.46 16.66
C ASN C 15 2.12 18.73 15.32
N VAL C 16 2.26 17.41 15.35
CA VAL C 16 2.48 16.63 14.13
C VAL C 16 1.24 15.81 13.76
N ARG C 17 0.68 16.08 12.58
CA ARG C 17 -0.59 15.51 12.15
C ARG C 17 -0.49 14.75 10.83
N GLN C 18 -1.44 13.84 10.66
CA GLN C 18 -1.51 13.03 9.46
C GLN C 18 -2.35 13.77 8.45
N VAL C 19 -1.82 13.96 7.26
CA VAL C 19 -2.57 14.64 6.22
C VAL C 19 -2.54 13.91 4.88
N GLN C 20 -3.39 14.39 3.97
CA GLN C 20 -3.50 13.88 2.60
C GLN C 20 -3.80 15.02 1.65
N THR C 21 -3.10 15.08 0.54
CA THR C 21 -3.45 16.02 -0.50
C THR C 21 -3.79 15.17 -1.70
N ASP C 22 -3.99 15.81 -2.85
CA ASP C 22 -4.18 15.10 -4.12
C ASP C 22 -2.90 14.31 -4.51
N GLN C 23 -1.76 14.70 -3.95
CA GLN C 23 -0.48 14.03 -4.16
C GLN C 23 -0.31 12.75 -3.32
N GLY C 24 -1.04 12.63 -2.22
CA GLY C 24 -0.94 11.45 -1.35
C GLY C 24 -0.78 11.79 0.12
N HIS C 25 -0.16 10.88 0.86
CA HIS C 25 0.00 11.00 2.32
C HIS C 25 1.28 11.74 2.75
N PHE C 26 1.13 12.59 3.76
CA PHE C 26 2.23 13.39 4.29
C PHE C 26 2.11 13.63 5.80
N THR C 27 3.24 13.98 6.41
CA THR C 27 3.28 14.44 7.80
C THR C 27 3.25 15.97 7.76
N MET C 28 2.34 16.59 8.52
CA MET C 28 2.27 18.06 8.61
C MET C 28 2.69 18.56 9.99
N LEU C 29 3.50 19.60 10.02
CA LEU C 29 3.91 20.18 11.29
C LEU C 29 3.12 21.45 11.53
N GLY C 30 2.39 21.46 12.64
CA GLY C 30 1.72 22.67 13.11
C GLY C 30 2.65 23.48 13.98
N VAL C 31 2.90 24.72 13.57
CA VAL C 31 3.90 25.58 14.22
C VAL C 31 3.27 26.50 15.28
N ARG C 32 2.20 27.22 14.93
CA ARG C 32 1.49 28.07 15.88
C ARG C 32 0.16 28.51 15.29
N ASP C 33 -0.78 28.89 16.16
CA ASP C 33 -2.08 29.40 15.72
C ASP C 33 -2.72 28.48 14.68
N ARG C 34 -2.96 28.97 13.47
CA ARG C 34 -3.46 28.15 12.36
C ARG C 34 -2.38 27.96 11.29
N LEU C 35 -1.12 28.16 11.67
CA LEU C 35 -0.02 28.10 10.71
C LEU C 35 0.64 26.72 10.78
N ALA C 36 0.69 26.04 9.63
CA ALA C 36 1.38 24.75 9.52
C ALA C 36 2.32 24.74 8.33
N VAL C 37 3.29 23.83 8.37
CA VAL C 37 4.27 23.72 7.30
C VAL C 37 4.29 22.31 6.68
N LEU C 38 4.38 22.30 5.34
CA LEU C 38 4.39 21.09 4.53
C LEU C 38 5.50 21.15 3.49
N PRO C 39 5.86 19.99 2.91
CA PRO C 39 6.75 20.04 1.74
C PRO C 39 6.04 20.73 0.58
N ARG C 40 6.78 21.43 -0.26
CA ARG C 40 6.15 22.16 -1.35
C ARG C 40 5.46 21.21 -2.32
N HIS C 41 6.12 20.10 -2.63
CA HIS C 41 5.62 19.14 -3.60
C HIS C 41 4.30 18.45 -3.17
N SER C 42 3.90 18.58 -1.91
CA SER C 42 2.62 18.02 -1.43
C SER C 42 1.42 18.71 -2.06
N GLN C 43 1.62 19.90 -2.62
CA GLN C 43 0.58 20.63 -3.32
C GLN C 43 -0.73 20.73 -2.53
N PRO C 44 -0.66 21.34 -1.33
CA PRO C 44 -1.92 21.66 -0.67
C PRO C 44 -2.56 22.77 -1.49
N GLY C 45 -3.81 22.59 -1.92
CA GLY C 45 -4.46 23.60 -2.73
C GLY C 45 -5.24 24.59 -1.89
N LYS C 46 -6.53 24.65 -2.16
CA LYS C 46 -7.46 25.48 -1.40
C LYS C 46 -7.96 24.70 -0.19
N THR C 47 -7.82 23.37 -0.24
CA THR C 47 -8.26 22.50 0.84
C THR C 47 -7.18 21.46 1.11
N ILE C 48 -7.27 20.84 2.27
CA ILE C 48 -6.37 19.79 2.65
C ILE C 48 -7.12 18.89 3.60
N TRP C 49 -6.80 17.61 3.52
CA TRP C 49 -7.34 16.64 4.43
C TRP C 49 -6.52 16.53 5.66
N ILE C 50 -7.12 16.81 6.82
CA ILE C 50 -6.38 16.72 8.09
C ILE C 50 -6.99 15.63 8.90
N GLU C 51 -6.16 14.61 9.09
CA GLU C 51 -6.55 13.36 9.66
C GLU C 51 -7.76 12.84 8.90
N HIS C 52 -8.92 13.46 9.03
CA HIS C 52 -10.17 12.77 8.72
C HIS C 52 -11.24 13.63 7.98
N LYS C 53 -10.82 14.82 7.63
CA LYS C 53 -11.75 15.83 7.37
C LYS C 53 -11.08 16.86 6.51
N LEU C 54 -11.91 17.46 5.69
CA LEU C 54 -11.53 18.56 4.87
C LEU C 54 -11.47 19.87 5.65
N VAL C 55 -10.31 20.50 5.56
CA VAL C 55 -10.07 21.79 6.15
C VAL C 55 -9.74 22.74 5.01
N ASN C 56 -10.30 23.94 5.07
CA ASN C 56 -9.96 24.96 4.10
C ASN C 56 -8.62 25.58 4.40
N ILE C 57 -7.85 25.83 3.37
CA ILE C 57 -6.62 26.59 3.50
C ILE C 57 -6.92 28.03 3.08
N LEU C 58 -6.67 28.96 3.99
CA LEU C 58 -6.96 30.37 3.74
C LEU C 58 -5.84 31.04 2.93
N ASP C 59 -4.62 30.58 3.10
CA ASP C 59 -3.50 31.13 2.36
C ASP C 59 -2.38 30.12 2.30
N ALA C 60 -1.65 30.12 1.19
CA ALA C 60 -0.48 29.25 1.02
C ALA C 60 0.68 30.07 0.49
N VAL C 61 1.87 29.83 1.02
CA VAL C 61 3.07 30.56 0.64
C VAL C 61 4.19 29.57 0.42
N GLU C 62 4.63 29.47 -0.83
CA GLU C 62 5.75 28.61 -1.18
C GLU C 62 7.04 29.39 -0.93
N LEU C 63 7.87 28.88 -0.03
CA LEU C 63 9.07 29.59 0.37
C LEU C 63 10.20 29.39 -0.63
N VAL C 64 10.74 30.50 -1.10
CA VAL C 64 11.92 30.51 -1.95
C VAL C 64 12.96 31.36 -1.23
N ASP C 65 14.23 31.18 -1.58
CA ASP C 65 15.29 31.97 -0.96
C ASP C 65 15.39 33.32 -1.66
N GLU C 66 16.42 34.08 -1.31
CA GLU C 66 16.66 35.40 -1.89
C GLU C 66 16.77 35.33 -3.42
N GLN C 67 17.51 34.36 -3.96
CA GLN C 67 17.69 34.26 -5.42
C GLN C 67 16.45 33.73 -6.15
N GLY C 68 15.35 33.54 -5.42
CA GLY C 68 14.13 32.99 -5.99
C GLY C 68 14.18 31.48 -6.17
N VAL C 69 15.14 30.80 -5.52
CA VAL C 69 15.31 29.35 -5.63
C VAL C 69 14.43 28.63 -4.62
N ASN C 70 13.79 27.56 -5.07
CA ASN C 70 12.93 26.75 -4.22
C ASN C 70 13.59 26.31 -2.90
N LEU C 71 12.84 26.43 -1.80
CA LEU C 71 13.25 25.88 -0.50
C LEU C 71 12.45 24.65 -0.12
N GLU C 72 11.47 24.30 -0.95
CA GLU C 72 10.69 23.06 -0.84
C GLU C 72 9.80 23.05 0.41
N LEU C 73 9.36 24.23 0.80
CA LEU C 73 8.50 24.37 1.95
C LEU C 73 7.33 25.25 1.59
N THR C 74 6.17 24.90 2.13
CA THR C 74 4.95 25.69 1.95
C THR C 74 4.32 26.00 3.31
N LEU C 75 4.12 27.28 3.57
CA LEU C 75 3.41 27.73 4.77
C LEU C 75 1.94 27.80 4.44
N ILE C 76 1.09 27.20 5.28
CA ILE C 76 -0.34 27.24 5.05
C ILE C 76 -1.09 27.70 6.30
N THR C 77 -2.12 28.53 6.09
CA THR C 77 -2.98 28.98 7.17
C THR C 77 -4.30 28.23 7.04
N LEU C 78 -4.66 27.50 8.11
CA LEU C 78 -5.86 26.65 8.11
C LEU C 78 -7.08 27.38 8.67
N ASP C 79 -8.26 26.99 8.18
CA ASP C 79 -9.53 27.52 8.64
C ASP C 79 -10.12 26.59 9.68
N THR C 80 -9.67 26.75 10.92
CA THR C 80 -10.18 25.97 12.05
C THR C 80 -10.23 26.76 13.34
N ASN C 81 -10.93 26.20 14.31
CA ASN C 81 -11.03 26.79 15.63
C ASN C 81 -9.85 26.34 16.51
N GLU C 82 -9.27 25.16 16.21
CA GLU C 82 -8.13 24.66 16.98
C GLU C 82 -6.94 25.59 16.80
N LYS C 83 -6.12 25.70 17.84
CA LYS C 83 -4.83 26.35 17.74
C LYS C 83 -3.69 25.39 18.07
N PHE C 84 -2.62 25.44 17.28
CA PHE C 84 -1.43 24.65 17.56
C PHE C 84 -0.71 25.25 18.75
N ARG C 85 -0.19 24.39 19.61
CA ARG C 85 0.77 24.83 20.62
C ARG C 85 1.91 25.53 19.88
N ASP C 86 2.32 26.70 20.37
CA ASP C 86 3.43 27.48 19.77
C ASP C 86 4.79 26.82 20.00
N ILE C 87 5.42 26.34 18.91
CA ILE C 87 6.72 25.66 18.97
C ILE C 87 7.81 26.42 18.23
N THR C 88 7.58 27.69 17.91
CA THR C 88 8.58 28.53 17.24
C THR C 88 9.89 28.62 18.03
N LYS C 89 9.76 28.56 19.35
CA LYS C 89 10.91 28.67 20.25
C LYS C 89 11.83 27.44 20.20
N PHE C 90 11.31 26.33 19.69
CA PHE C 90 12.12 25.12 19.52
C PHE C 90 12.85 25.12 18.16
N ILE C 91 12.43 26.04 17.29
CA ILE C 91 13.06 26.21 15.99
C ILE C 91 14.21 27.21 16.12
N PRO C 92 15.43 26.81 15.73
CA PRO C 92 16.56 27.74 15.86
C PRO C 92 16.51 28.88 14.85
N GLU C 93 17.19 29.97 15.17
CA GLU C 93 17.24 31.14 14.29
C GLU C 93 18.08 30.87 13.03
N ASN C 94 19.02 29.94 13.11
CA ASN C 94 19.85 29.59 11.95
C ASN C 94 19.67 28.13 11.65
N ILE C 95 19.75 27.76 10.38
CA ILE C 95 19.65 26.37 9.98
C ILE C 95 20.80 25.61 10.61
N SER C 96 20.48 24.58 11.39
CA SER C 96 21.44 23.97 12.30
C SER C 96 21.66 22.50 12.02
N THR C 97 22.91 22.07 12.12
CA THR C 97 23.25 20.65 12.03
C THR C 97 22.88 19.98 13.38
N ALA C 98 23.02 18.66 13.47
CA ALA C 98 22.66 17.94 14.71
C ALA C 98 23.28 16.55 14.77
N SER C 99 23.49 16.03 15.96
CA SER C 99 23.94 14.64 16.11
C SER C 99 22.76 13.82 16.56
N ASP C 100 22.71 12.58 16.10
CA ASP C 100 21.72 11.64 16.62
C ASP C 100 20.30 12.18 16.52
N ALA C 101 19.95 12.75 15.36
CA ALA C 101 18.64 13.32 15.16
C ALA C 101 17.60 12.21 15.10
N THR C 102 16.33 12.59 15.23
CA THR C 102 15.20 11.67 15.13
C THR C 102 14.20 12.28 14.18
N LEU C 103 13.75 11.47 13.24
CA LEU C 103 12.74 11.87 12.27
C LEU C 103 11.39 11.40 12.77
N VAL C 104 10.50 12.36 13.06
CA VAL C 104 9.16 12.09 13.59
C VAL C 104 8.20 12.06 12.43
N ILE C 105 7.67 10.89 12.13
CA ILE C 105 6.75 10.73 11.01
C ILE C 105 5.40 10.42 11.61
N ASN C 106 4.37 11.04 11.06
CA ASN C 106 3.01 10.76 11.44
C ASN C 106 2.09 10.85 10.26
N THR C 107 1.99 9.72 9.57
CA THR C 107 1.25 9.63 8.34
C THR C 107 0.19 8.60 8.58
N GLU C 108 -0.82 8.65 7.73
CA GLU C 108 -1.82 7.64 7.76
C GLU C 108 -1.23 6.27 7.38
N HIS C 109 -0.29 6.16 6.46
CA HIS C 109 0.42 4.88 6.24
C HIS C 109 1.58 4.52 7.21
N MET C 110 2.15 5.51 7.91
CA MET C 110 3.19 5.29 8.92
C MET C 110 3.01 6.17 10.16
N PRO C 111 2.14 5.75 11.10
CA PRO C 111 1.77 6.62 12.16
C PRO C 111 2.82 6.57 13.28
N SER C 112 3.15 7.74 13.82
CA SER C 112 4.04 7.86 14.97
C SER C 112 5.26 7.01 14.87
N MET C 113 5.96 7.25 13.78
CA MET C 113 7.11 6.48 13.48
C MET C 113 8.31 7.33 13.85
N PHE C 114 9.20 6.77 14.67
CA PHE C 114 10.43 7.45 15.05
C PHE C 114 11.60 6.75 14.38
N VAL C 115 12.35 7.51 13.62
CA VAL C 115 13.40 6.96 12.80
C VAL C 115 14.70 7.66 13.20
N PRO C 116 15.67 6.89 13.71
CA PRO C 116 16.96 7.44 14.07
C PRO C 116 17.82 7.65 12.83
N VAL C 117 17.70 8.82 12.21
CA VAL C 117 18.45 9.13 10.99
C VAL C 117 19.95 9.38 11.26
N GLY C 118 20.31 9.56 12.52
CA GLY C 118 21.69 9.83 12.90
C GLY C 118 22.03 11.30 12.70
N ASP C 119 23.28 11.58 12.35
CA ASP C 119 23.75 12.95 12.24
C ASP C 119 23.15 13.64 11.01
N VAL C 120 22.87 14.93 11.15
CA VAL C 120 22.32 15.78 10.09
C VAL C 120 23.35 16.86 9.76
N VAL C 121 23.83 16.91 8.51
CA VAL C 121 24.91 17.84 8.15
C VAL C 121 24.44 18.84 7.11
N GLN C 122 25.20 19.92 6.94
CA GLN C 122 24.92 20.87 5.88
C GLN C 122 25.15 20.14 4.57
N TYR C 123 24.24 20.38 3.62
CA TYR C 123 24.37 19.85 2.27
C TYR C 123 24.27 20.98 1.24
N GLY C 124 23.28 21.86 1.41
CA GLY C 124 23.13 23.07 0.59
C GLY C 124 22.29 22.84 -0.65
N PHE C 125 22.92 22.91 -1.82
CA PHE C 125 22.23 22.68 -3.09
C PHE C 125 21.89 21.19 -3.28
N LEU C 126 20.69 20.94 -3.79
CA LEU C 126 20.26 19.60 -4.13
C LEU C 126 19.29 19.68 -5.30
N ASN C 127 19.50 18.80 -6.29
CA ASN C 127 18.57 18.66 -7.39
C ASN C 127 17.47 17.68 -6.98
N LEU C 128 16.28 18.20 -6.73
CA LEU C 128 15.18 17.40 -6.22
C LEU C 128 14.17 17.08 -7.33
N SER C 129 14.45 16.00 -8.06
CA SER C 129 13.55 15.46 -9.10
C SER C 129 13.29 16.52 -10.18
N GLY C 130 14.37 17.22 -10.53
CA GLY C 130 14.32 18.31 -11.50
C GLY C 130 14.27 19.70 -10.92
N LYS C 131 13.88 19.80 -9.66
CA LYS C 131 13.74 21.09 -9.01
C LYS C 131 15.02 21.43 -8.23
N PRO C 132 15.73 22.51 -8.62
CA PRO C 132 16.89 22.93 -7.83
C PRO C 132 16.40 23.48 -6.50
N THR C 133 17.06 23.07 -5.41
CA THR C 133 16.61 23.37 -4.06
C THR C 133 17.82 23.79 -3.19
N HIS C 134 17.65 24.85 -2.39
CA HIS C 134 18.73 25.35 -1.53
C HIS C 134 18.42 25.10 -0.05
N ARG C 135 19.47 25.27 0.78
CA ARG C 135 19.36 25.17 2.24
C ARG C 135 18.94 23.79 2.74
N THR C 136 19.36 22.75 2.02
CA THR C 136 19.05 21.37 2.40
C THR C 136 20.11 20.80 3.31
N MET C 137 19.72 19.80 4.08
CA MET C 137 20.64 19.09 4.96
C MET C 137 20.48 17.61 4.69
N MET C 138 21.52 16.84 5.00
CA MET C 138 21.57 15.42 4.64
C MET C 138 21.79 14.54 5.86
N TYR C 139 21.19 13.34 5.85
CA TYR C 139 21.47 12.30 6.85
C TYR C 139 21.70 10.96 6.13
N ASN C 140 22.70 10.20 6.57
CA ASN C 140 22.97 8.88 6.02
C ASN C 140 21.99 7.83 6.57
N PHE C 141 20.76 7.91 6.10
CA PHE C 141 19.75 6.91 6.41
C PHE C 141 18.93 6.65 5.13
N PRO C 142 18.60 5.38 4.87
CA PRO C 142 17.76 5.08 3.70
C PRO C 142 16.24 5.36 3.91
N THR C 143 15.88 6.63 3.81
CA THR C 143 14.50 7.04 3.96
C THR C 143 13.69 6.46 2.80
N LYS C 144 12.37 6.44 2.94
CA LYS C 144 11.50 5.86 1.92
C LYS C 144 10.21 6.63 1.69
N ALA C 145 9.50 6.25 0.63
CA ALA C 145 8.29 6.94 0.21
C ALA C 145 7.29 6.90 1.33
N GLY C 146 6.50 7.97 1.41
CA GLY C 146 5.48 8.13 2.43
C GLY C 146 5.98 8.79 3.69
N GLN C 147 7.26 9.16 3.71
CA GLN C 147 7.88 9.78 4.89
C GLN C 147 8.10 11.30 4.74
N CYS C 148 7.74 11.84 3.58
CA CYS C 148 7.95 13.26 3.32
C CYS C 148 7.09 14.09 4.29
N GLY C 149 7.66 15.20 4.77
CA GLY C 149 6.98 16.04 5.77
C GLY C 149 7.37 15.72 7.20
N GLY C 150 8.08 14.60 7.39
CA GLY C 150 8.58 14.22 8.70
C GLY C 150 9.44 15.30 9.32
N VAL C 151 9.40 15.38 10.64
CA VAL C 151 10.05 16.46 11.36
C VAL C 151 11.37 15.97 11.92
N VAL C 152 12.46 16.56 11.42
CA VAL C 152 13.80 16.23 11.92
C VAL C 152 13.98 16.94 13.26
N THR C 153 14.27 16.16 14.31
CA THR C 153 14.39 16.70 15.67
C THR C 153 15.62 16.21 16.42
N SER C 154 16.19 17.07 17.27
CA SER C 154 17.37 16.74 18.06
C SER C 154 17.53 17.70 19.24
N VAL C 155 17.64 17.13 20.45
CA VAL C 155 17.80 17.90 21.69
C VAL C 155 16.86 19.09 21.82
N GLY C 156 15.56 18.80 21.85
CA GLY C 156 14.53 19.82 22.02
C GLY C 156 14.55 20.89 20.94
N LYS C 157 14.94 20.50 19.73
CA LYS C 157 14.98 21.42 18.60
C LYS C 157 14.34 20.83 17.36
N VAL C 158 13.61 21.67 16.63
CA VAL C 158 12.98 21.31 15.36
C VAL C 158 13.81 21.96 14.24
N ILE C 159 14.58 21.15 13.51
CA ILE C 159 15.64 21.67 12.63
C ILE C 159 15.40 21.50 11.11
N GLY C 160 14.46 20.62 10.73
CA GLY C 160 14.16 20.39 9.33
C GLY C 160 12.87 19.62 9.06
N ILE C 161 12.50 19.56 7.77
CA ILE C 161 11.34 18.81 7.30
C ILE C 161 11.79 17.88 6.19
N HIS C 162 11.50 16.59 6.32
CA HIS C 162 11.93 15.62 5.29
C HIS C 162 11.27 15.85 3.92
N ILE C 163 12.11 15.87 2.90
CA ILE C 163 11.67 16.16 1.54
C ILE C 163 12.08 15.16 0.44
N GLY C 164 13.17 14.40 0.64
CA GLY C 164 13.67 13.52 -0.42
C GLY C 164 14.73 12.55 0.02
N GLY C 165 15.06 11.61 -0.86
CA GLY C 165 16.11 10.62 -0.60
C GLY C 165 16.46 9.77 -1.81
N ASN C 166 17.68 9.24 -1.84
CA ASN C 166 18.22 8.51 -2.99
C ASN C 166 18.39 7.01 -2.75
N GLY C 167 17.70 6.50 -1.72
CA GLY C 167 17.81 5.10 -1.32
C GLY C 167 18.89 4.83 -0.27
N ARG C 168 19.91 5.67 -0.23
CA ARG C 168 21.00 5.53 0.72
C ARG C 168 21.02 6.65 1.75
N GLN C 169 20.62 7.84 1.32
CA GLN C 169 20.63 9.04 2.16
C GLN C 169 19.28 9.73 2.11
N GLY C 170 19.01 10.54 3.13
CA GLY C 170 17.78 11.33 3.20
C GLY C 170 18.10 12.82 3.22
N PHE C 171 17.17 13.63 2.73
CA PHE C 171 17.35 15.10 2.68
C PHE C 171 16.17 15.85 3.27
N CYS C 172 16.47 16.85 4.11
CA CYS C 172 15.46 17.74 4.68
C CYS C 172 15.69 19.17 4.22
N ALA C 173 14.61 19.94 4.19
CA ALA C 173 14.72 21.38 4.06
C ALA C 173 14.97 21.90 5.47
N GLY C 174 15.96 22.77 5.62
CA GLY C 174 16.29 23.34 6.92
C GLY C 174 15.24 24.32 7.42
N LEU C 175 15.01 24.29 8.73
CA LEU C 175 14.07 25.20 9.36
C LEU C 175 14.80 26.29 10.11
N LYS C 176 14.28 27.50 9.96
CA LYS C 176 14.72 28.63 10.75
C LYS C 176 13.49 29.45 11.18
N ARG C 177 13.55 30.01 12.39
CA ARG C 177 12.41 30.70 13.01
C ARG C 177 11.83 31.87 12.19
N SER C 178 12.71 32.56 11.45
CA SER C 178 12.31 33.73 10.66
C SER C 178 11.18 33.44 9.68
N TYR C 179 11.13 32.20 9.18
CA TYR C 179 10.10 31.75 8.25
C TYR C 179 8.70 31.89 8.81
N PHE C 180 8.57 31.85 10.14
CA PHE C 180 7.26 31.78 10.79
C PHE C 180 6.83 33.07 11.48
N ALA C 181 7.47 34.17 11.10
CA ALA C 181 7.00 35.49 11.54
C ALA C 181 5.89 35.90 10.60
N GLY D 2 -25.41 18.83 8.93
CA GLY D 2 -26.10 17.56 8.59
C GLY D 2 -26.22 16.65 9.80
N PRO D 3 -27.36 15.95 9.91
CA PRO D 3 -27.88 15.54 11.22
C PRO D 3 -27.08 14.37 11.91
N SER D 4 -26.97 13.39 11.10
CA SER D 4 -26.65 12.12 11.60
C SER D 4 -25.20 11.92 11.31
N LEU D 5 -24.78 12.54 10.23
CA LEU D 5 -23.42 12.97 9.93
C LEU D 5 -22.58 13.65 11.01
N ASP D 6 -23.24 14.48 11.79
CA ASP D 6 -22.63 15.04 12.97
C ASP D 6 -22.34 14.01 14.05
N PHE D 7 -23.26 13.07 14.22
CA PHE D 7 -23.00 11.99 15.20
C PHE D 7 -21.77 11.16 14.83
N ALA D 8 -21.65 10.80 13.55
CA ALA D 8 -20.47 10.10 12.99
C ALA D 8 -19.18 10.86 13.28
N LEU D 9 -19.22 12.17 13.04
CA LEU D 9 -18.09 13.05 13.31
C LEU D 9 -17.67 13.09 14.75
N SER D 10 -18.65 13.17 15.64
CA SER D 10 -18.39 13.19 17.08
C SER D 10 -17.74 11.89 17.51
N LEU D 11 -18.29 10.79 16.99
CA LEU D 11 -17.70 9.46 17.19
C LEU D 11 -16.25 9.41 16.76
N LEU D 12 -16.00 9.86 15.54
CA LEU D 12 -14.67 9.90 14.95
C LEU D 12 -13.67 10.66 15.85
N ARG D 13 -14.14 11.79 16.34
CA ARG D 13 -13.30 12.71 17.07
C ARG D 13 -12.96 12.16 18.45
N ARG D 14 -13.95 11.57 19.13
CA ARG D 14 -13.82 11.20 20.55
C ARG D 14 -13.59 9.71 20.82
N ASN D 15 -13.97 8.84 19.89
CA ASN D 15 -14.07 7.39 20.19
C ASN D 15 -13.51 6.40 19.16
N VAL D 16 -13.25 6.85 17.94
CA VAL D 16 -12.72 5.98 16.89
C VAL D 16 -11.25 6.31 16.57
N ARG D 17 -10.37 5.33 16.80
CA ARG D 17 -8.92 5.53 16.70
C ARG D 17 -8.25 4.60 15.70
N GLN D 18 -7.09 5.04 15.23
CA GLN D 18 -6.30 4.28 14.28
C GLN D 18 -5.39 3.37 15.05
N VAL D 19 -5.41 2.08 14.74
CA VAL D 19 -4.55 1.14 15.43
C VAL D 19 -3.81 0.20 14.47
N GLN D 20 -2.86 -0.52 15.04
CA GLN D 20 -2.06 -1.52 14.34
C GLN D 20 -1.75 -2.66 15.26
N THR D 21 -1.91 -3.88 14.78
CA THR D 21 -1.47 -5.03 15.52
C THR D 21 -0.42 -5.71 14.65
N ASP D 22 0.03 -6.89 15.05
CA ASP D 22 0.91 -7.71 14.21
C ASP D 22 0.21 -8.16 12.91
N GLN D 23 -1.13 -8.16 12.93
CA GLN D 23 -1.96 -8.50 11.77
C GLN D 23 -2.08 -7.34 10.75
N GLY D 24 -1.86 -6.10 11.19
CA GLY D 24 -1.97 -4.94 10.29
C GLY D 24 -2.81 -3.80 10.86
N HIS D 25 -3.36 -2.99 9.95
CA HIS D 25 -4.13 -1.80 10.31
C HIS D 25 -5.62 -2.04 10.54
N PHE D 26 -6.16 -1.41 11.58
CA PHE D 26 -7.57 -1.55 11.98
C PHE D 26 -8.12 -0.25 12.57
N THR D 27 -9.45 -0.16 12.57
CA THR D 27 -10.18 0.89 13.27
C THR D 27 -10.58 0.32 14.62
N MET D 28 -10.31 1.06 15.70
CA MET D 28 -10.71 0.63 17.06
C MET D 28 -11.78 1.55 17.61
N LEU D 29 -12.80 0.97 18.23
CA LEU D 29 -13.83 1.77 18.86
C LEU D 29 -13.62 1.77 20.36
N GLY D 30 -13.43 2.98 20.91
CA GLY D 30 -13.39 3.17 22.35
C GLY D 30 -14.79 3.38 22.89
N VAL D 31 -15.21 2.50 23.80
CA VAL D 31 -16.60 2.48 24.31
C VAL D 31 -16.75 3.28 25.61
N ARG D 32 -15.88 3.03 26.59
CA ARG D 32 -15.90 3.78 27.85
C ARG D 32 -14.62 3.51 28.63
N ASP D 33 -14.27 4.42 29.53
CA ASP D 33 -13.12 4.23 30.42
C ASP D 33 -11.88 3.82 29.62
N ARG D 34 -11.32 2.64 29.90
CA ARG D 34 -10.21 2.09 29.14
C ARG D 34 -10.64 0.89 28.30
N LEU D 35 -11.94 0.78 28.06
CA LEU D 35 -12.49 -0.36 27.35
C LEU D 35 -12.69 -0.01 25.89
N ALA D 36 -12.07 -0.81 25.01
CA ALA D 36 -12.25 -0.65 23.56
C ALA D 36 -12.59 -1.98 22.91
N VAL D 37 -13.17 -1.92 21.71
CA VAL D 37 -13.56 -3.12 20.99
C VAL D 37 -12.90 -3.18 19.61
N LEU D 38 -12.43 -4.39 19.28
CA LEU D 38 -11.75 -4.69 18.01
C LEU D 38 -12.30 -5.98 17.39
N PRO D 39 -12.06 -6.19 16.08
CA PRO D 39 -12.37 -7.51 15.51
C PRO D 39 -11.49 -8.57 16.15
N ARG D 40 -12.00 -9.78 16.31
CA ARG D 40 -11.21 -10.81 16.97
C ARG D 40 -9.94 -11.14 16.18
N HIS D 41 -10.08 -11.21 14.86
CA HIS D 41 -8.95 -11.58 14.00
C HIS D 41 -7.81 -10.57 14.00
N SER D 42 -8.01 -9.37 14.56
CA SER D 42 -6.93 -8.37 14.67
C SER D 42 -5.82 -8.82 15.63
N GLN D 43 -6.14 -9.79 16.49
CA GLN D 43 -5.16 -10.35 17.42
C GLN D 43 -4.38 -9.30 18.19
N PRO D 44 -5.10 -8.47 18.96
CA PRO D 44 -4.36 -7.63 19.89
C PRO D 44 -3.79 -8.55 20.96
N GLY D 45 -2.49 -8.49 21.19
CA GLY D 45 -1.88 -9.38 22.19
C GLY D 45 -1.83 -8.75 23.57
N LYS D 46 -0.62 -8.64 24.09
CA LYS D 46 -0.37 -8.00 25.37
C LYS D 46 -0.20 -6.50 25.14
N THR D 47 0.10 -6.11 23.91
CA THR D 47 0.29 -4.72 23.54
C THR D 47 -0.44 -4.44 22.25
N ILE D 48 -0.66 -3.16 21.98
CA ILE D 48 -1.29 -2.73 20.76
C ILE D 48 -0.76 -1.35 20.46
N TRP D 49 -0.64 -1.08 19.19
CA TRP D 49 -0.26 0.24 18.74
C TRP D 49 -1.44 1.13 18.59
N ILE D 50 -1.48 2.24 19.34
CA ILE D 50 -2.60 3.20 19.23
C ILE D 50 -2.09 4.49 18.69
N GLU D 51 -2.59 4.77 17.48
CA GLU D 51 -2.12 5.83 16.65
C GLU D 51 -0.59 5.70 16.52
N HIS D 52 0.17 5.95 17.56
CA HIS D 52 1.58 6.29 17.39
C HIS D 52 2.55 5.65 18.42
N LYS D 53 1.98 4.78 19.21
CA LYS D 53 2.59 4.48 20.44
C LYS D 53 2.05 3.15 20.89
N LEU D 54 2.93 2.45 21.57
CA LEU D 54 2.60 1.22 22.22
C LEU D 54 1.86 1.44 23.53
N VAL D 55 0.71 0.79 23.61
CA VAL D 55 -0.12 0.79 24.78
C VAL D 55 -0.23 -0.66 25.26
N ASN D 56 -0.10 -0.86 26.56
CA ASN D 56 -0.29 -2.18 27.14
C ASN D 56 -1.76 -2.52 27.21
N ILE D 57 -2.08 -3.76 26.89
CA ILE D 57 -3.42 -4.28 27.10
C ILE D 57 -3.42 -5.07 28.40
N LEU D 58 -4.26 -4.67 29.33
CA LEU D 58 -4.34 -5.29 30.64
C LEU D 58 -5.17 -6.58 30.62
N ASP D 59 -6.18 -6.61 29.76
CA ASP D 59 -6.99 -7.80 29.61
C ASP D 59 -7.65 -7.84 28.25
N ALA D 60 -7.83 -9.04 27.72
CA ALA D 60 -8.52 -9.23 26.46
C ALA D 60 -9.54 -10.35 26.61
N VAL D 61 -10.71 -10.16 26.03
CA VAL D 61 -11.82 -11.11 26.13
C VAL D 61 -12.41 -11.29 24.75
N GLU D 62 -12.25 -12.49 24.19
CA GLU D 62 -12.83 -12.81 22.90
C GLU D 62 -14.27 -13.24 23.15
N LEU D 63 -15.21 -12.52 22.56
CA LEU D 63 -16.62 -12.76 22.79
C LEU D 63 -17.14 -13.91 21.94
N VAL D 64 -17.74 -14.89 22.61
CA VAL D 64 -18.42 -15.98 21.94
C VAL D 64 -19.86 -15.96 22.43
N ASP D 65 -20.76 -16.58 21.69
CA ASP D 65 -22.16 -16.64 22.10
C ASP D 65 -22.36 -17.78 23.10
N GLU D 66 -23.62 -18.04 23.44
CA GLU D 66 -23.97 -19.09 24.38
C GLU D 66 -23.43 -20.46 23.94
N GLN D 67 -23.57 -20.81 22.65
CA GLN D 67 -23.11 -22.12 22.18
C GLN D 67 -21.59 -22.20 22.03
N GLY D 68 -20.87 -21.17 22.48
CA GLY D 68 -19.42 -21.12 22.35
C GLY D 68 -18.94 -20.75 20.96
N VAL D 69 -19.84 -20.24 20.12
CA VAL D 69 -19.52 -19.87 18.74
C VAL D 69 -18.95 -18.46 18.69
N ASN D 70 -17.90 -18.29 17.90
CA ASN D 70 -17.27 -16.98 17.69
C ASN D 70 -18.26 -15.85 17.34
N LEU D 71 -18.10 -14.70 17.98
CA LEU D 71 -18.81 -13.48 17.61
C LEU D 71 -17.93 -12.47 16.89
N GLU D 72 -16.64 -12.79 16.81
CA GLU D 72 -15.64 -12.02 16.04
C GLU D 72 -15.36 -10.65 16.67
N LEU D 73 -15.49 -10.58 17.99
CA LEU D 73 -15.25 -9.36 18.72
C LEU D 73 -14.33 -9.64 19.89
N THR D 74 -13.45 -8.70 20.17
CA THR D 74 -12.56 -8.77 21.31
C THR D 74 -12.65 -7.49 22.13
N LEU D 75 -12.96 -7.64 23.42
CA LEU D 75 -12.96 -6.52 24.35
C LEU D 75 -11.57 -6.41 24.95
N ILE D 76 -11.01 -5.20 24.93
CA ILE D 76 -9.67 -4.98 25.49
C ILE D 76 -9.66 -3.81 26.47
N THR D 77 -8.94 -3.98 27.58
CA THR D 77 -8.76 -2.93 28.56
C THR D 77 -7.35 -2.38 28.40
N LEU D 78 -7.25 -1.08 28.13
CA LEU D 78 -5.96 -0.42 27.86
C LEU D 78 -5.35 0.17 29.13
N ASP D 79 -4.02 0.22 29.14
CA ASP D 79 -3.25 0.81 30.24
C ASP D 79 -2.89 2.25 29.88
N THR D 80 -3.83 3.16 30.10
CA THR D 80 -3.61 4.58 29.85
C THR D 80 -4.33 5.46 30.86
N ASN D 81 -3.94 6.73 30.85
CA ASN D 81 -4.58 7.72 31.70
C ASN D 81 -5.82 8.30 31.02
N GLU D 82 -5.85 8.29 29.68
CA GLU D 82 -7.01 8.80 28.94
C GLU D 82 -8.24 7.95 29.24
N LYS D 83 -9.40 8.60 29.23
CA LYS D 83 -10.68 7.91 29.27
C LYS D 83 -11.52 8.21 28.03
N PHE D 84 -12.13 7.18 27.47
CA PHE D 84 -13.05 7.35 26.36
C PHE D 84 -14.33 7.99 26.86
N ARG D 85 -14.88 8.92 26.07
CA ARG D 85 -16.25 9.35 26.31
C ARG D 85 -17.14 8.12 26.31
N ASP D 86 -18.03 8.01 27.29
CA ASP D 86 -18.96 6.88 27.40
C ASP D 86 -20.04 6.91 26.32
N ILE D 87 -20.00 5.93 25.42
CA ILE D 87 -20.96 5.84 24.30
C ILE D 87 -21.84 4.58 24.36
N THR D 88 -21.87 3.90 25.52
CA THR D 88 -22.71 2.70 25.70
C THR D 88 -24.18 2.99 25.44
N LYS D 89 -24.60 4.22 25.73
CA LYS D 89 -26.00 4.65 25.56
C LYS D 89 -26.41 4.78 24.10
N PHE D 90 -25.44 4.86 23.20
CA PHE D 90 -25.72 4.89 21.76
C PHE D 90 -25.78 3.48 21.18
N ILE D 91 -25.34 2.50 21.96
CA ILE D 91 -25.41 1.10 21.59
C ILE D 91 -26.76 0.53 22.04
N PRO D 92 -27.54 -0.04 21.11
CA PRO D 92 -28.84 -0.58 21.50
C PRO D 92 -28.72 -1.86 22.32
N GLU D 93 -29.77 -2.16 23.07
CA GLU D 93 -29.79 -3.37 23.90
C GLU D 93 -29.93 -4.64 23.05
N ASN D 94 -30.51 -4.52 21.86
CA ASN D 94 -30.65 -5.66 20.96
C ASN D 94 -29.94 -5.36 19.67
N ILE D 95 -29.39 -6.39 19.04
CA ILE D 95 -28.73 -6.23 17.76
C ILE D 95 -29.78 -5.75 16.75
N SER D 96 -29.52 -4.60 16.15
CA SER D 96 -30.55 -3.86 15.42
C SER D 96 -30.19 -3.66 13.96
N THR D 97 -31.18 -3.79 13.09
CA THR D 97 -31.03 -3.46 11.67
C THR D 97 -31.05 -1.93 11.51
N ALA D 98 -30.82 -1.43 10.30
CA ALA D 98 -30.80 0.03 10.08
C ALA D 98 -30.96 0.38 8.61
N SER D 99 -31.48 1.58 8.33
CA SER D 99 -31.52 2.07 6.93
C SER D 99 -30.43 3.10 6.79
N ASP D 100 -29.83 3.14 5.60
CA ASP D 100 -28.90 4.22 5.26
C ASP D 100 -27.80 4.36 6.29
N ALA D 101 -27.20 3.24 6.68
CA ALA D 101 -26.14 3.25 7.69
C ALA D 101 -24.89 3.88 7.09
N THR D 102 -23.97 4.25 7.97
CA THR D 102 -22.69 4.83 7.58
C THR D 102 -21.60 4.06 8.33
N LEU D 103 -20.59 3.65 7.58
CA LEU D 103 -19.45 2.94 8.13
C LEU D 103 -18.33 3.94 8.38
N VAL D 104 -17.97 4.13 9.65
CA VAL D 104 -16.93 5.10 10.06
C VAL D 104 -15.61 4.35 10.17
N ILE D 105 -14.69 4.66 9.27
CA ILE D 105 -13.41 4.01 9.25
C ILE D 105 -12.39 5.04 9.63
N ASN D 106 -11.46 4.65 10.50
CA ASN D 106 -10.36 5.50 10.89
C ASN D 106 -9.10 4.68 11.07
N THR D 107 -8.40 4.50 9.98
CA THR D 107 -7.23 3.67 9.91
C THR D 107 -6.12 4.55 9.47
N GLU D 108 -4.91 4.08 9.74
CA GLU D 108 -3.77 4.75 9.24
C GLU D 108 -3.71 4.73 7.70
N HIS D 109 -4.12 3.66 7.03
CA HIS D 109 -4.28 3.71 5.56
C HIS D 109 -5.57 4.35 4.99
N MET D 110 -6.63 4.45 5.81
CA MET D 110 -7.89 5.12 5.41
C MET D 110 -8.49 5.97 6.55
N PRO D 111 -7.99 7.21 6.71
CA PRO D 111 -8.35 7.96 7.87
C PRO D 111 -9.70 8.66 7.65
N SER D 112 -10.55 8.63 8.67
CA SER D 112 -11.84 9.35 8.66
C SER D 112 -12.60 9.19 7.40
N MET D 113 -12.83 7.94 7.09
CA MET D 113 -13.48 7.60 5.89
C MET D 113 -14.91 7.25 6.25
N PHE D 114 -15.86 7.92 5.57
CA PHE D 114 -17.27 7.65 5.76
C PHE D 114 -17.81 6.95 4.52
N VAL D 115 -18.38 5.78 4.72
CA VAL D 115 -18.80 4.95 3.63
C VAL D 115 -20.28 4.66 3.81
N PRO D 116 -21.10 5.10 2.84
CA PRO D 116 -22.53 4.85 2.89
C PRO D 116 -22.84 3.42 2.47
N VAL D 117 -22.83 2.50 3.42
CA VAL D 117 -23.07 1.09 3.14
C VAL D 117 -24.53 0.79 2.81
N GLY D 118 -25.41 1.74 3.13
CA GLY D 118 -26.83 1.57 2.89
C GLY D 118 -27.47 0.78 4.02
N ASP D 119 -28.49 -0.01 3.68
CA ASP D 119 -29.27 -0.73 4.68
C ASP D 119 -28.47 -1.90 5.27
N VAL D 120 -28.66 -2.13 6.56
CA VAL D 120 -28.00 -3.21 7.30
C VAL D 120 -29.08 -4.18 7.76
N VAL D 121 -29.00 -5.44 7.35
CA VAL D 121 -30.05 -6.41 7.66
C VAL D 121 -29.51 -7.53 8.54
N GLN D 122 -30.42 -8.30 9.13
CA GLN D 122 -30.03 -9.49 9.86
C GLN D 122 -29.48 -10.47 8.84
N TYR D 123 -28.39 -11.13 9.22
CA TYR D 123 -27.81 -12.18 8.40
C TYR D 123 -27.63 -13.46 9.22
N GLY D 124 -27.11 -13.33 10.44
CA GLY D 124 -26.99 -14.45 11.39
C GLY D 124 -25.70 -15.22 11.26
N PHE D 125 -25.79 -16.47 10.81
CA PHE D 125 -24.59 -17.31 10.60
C PHE D 125 -23.79 -16.85 9.38
N LEU D 126 -22.47 -16.86 9.53
CA LEU D 126 -21.58 -16.56 8.43
C LEU D 126 -20.29 -17.34 8.62
N ASN D 127 -19.80 -17.95 7.54
CA ASN D 127 -18.50 -18.61 7.55
C ASN D 127 -17.43 -17.57 7.20
N LEU D 128 -16.64 -17.18 8.19
CA LEU D 128 -15.65 -16.12 8.02
C LEU D 128 -14.24 -16.70 7.89
N SER D 129 -13.86 -17.02 6.66
CA SER D 129 -12.52 -17.50 6.33
C SER D 129 -12.21 -18.76 7.12
N GLY D 130 -13.21 -19.63 7.26
CA GLY D 130 -13.09 -20.85 8.04
C GLY D 130 -13.67 -20.81 9.43
N LYS D 131 -13.88 -19.62 9.96
CA LYS D 131 -14.39 -19.46 11.29
C LYS D 131 -15.91 -19.27 11.24
N PRO D 132 -16.67 -20.24 11.82
CA PRO D 132 -18.12 -20.02 11.90
C PRO D 132 -18.41 -18.88 12.88
N THR D 133 -19.28 -17.97 12.49
CA THR D 133 -19.53 -16.73 13.24
C THR D 133 -21.05 -16.46 13.31
N HIS D 134 -21.54 -16.09 14.50
CA HIS D 134 -22.96 -15.82 14.71
C HIS D 134 -23.23 -14.35 14.94
N ARG D 135 -24.51 -13.98 14.85
CA ARG D 135 -24.98 -12.61 15.11
C ARG D 135 -24.41 -11.55 14.17
N THR D 136 -24.19 -11.94 12.92
CA THR D 136 -23.67 -11.02 11.91
C THR D 136 -24.81 -10.33 11.18
N MET D 137 -24.50 -9.17 10.60
CA MET D 137 -25.45 -8.43 9.79
C MET D 137 -24.76 -8.09 8.49
N MET D 138 -25.55 -7.87 7.45
CA MET D 138 -25.03 -7.70 6.09
C MET D 138 -25.45 -6.36 5.48
N TYR D 139 -24.58 -5.78 4.66
CA TYR D 139 -24.91 -4.61 3.83
C TYR D 139 -24.41 -4.84 2.40
N ASN D 140 -25.24 -4.46 1.43
CA ASN D 140 -24.87 -4.57 0.02
C ASN D 140 -23.96 -3.42 -0.39
N PHE D 141 -22.73 -3.50 0.07
CA PHE D 141 -21.68 -2.57 -0.34
C PHE D 141 -20.39 -3.37 -0.53
N PRO D 142 -19.63 -3.05 -1.60
CA PRO D 142 -18.35 -3.75 -1.78
C PRO D 142 -17.23 -3.20 -0.88
N THR D 143 -17.22 -3.65 0.37
CA THR D 143 -16.19 -3.23 1.31
C THR D 143 -14.85 -3.81 0.88
N LYS D 144 -13.75 -3.29 1.43
CA LYS D 144 -12.42 -3.74 1.05
C LYS D 144 -11.44 -3.86 2.21
N ALA D 145 -10.28 -4.44 1.91
CA ALA D 145 -9.26 -4.69 2.92
C ALA D 145 -8.85 -3.39 3.55
N GLY D 146 -8.50 -3.47 4.83
CA GLY D 146 -8.07 -2.31 5.61
C GLY D 146 -9.21 -1.57 6.26
N GLN D 147 -10.44 -2.05 6.07
CA GLN D 147 -11.63 -1.41 6.62
C GLN D 147 -12.22 -2.15 7.82
N CYS D 148 -11.60 -3.25 8.21
CA CYS D 148 -12.10 -4.06 9.32
C CYS D 148 -11.97 -3.23 10.61
N GLY D 149 -12.97 -3.35 11.50
CA GLY D 149 -13.03 -2.55 12.73
C GLY D 149 -13.86 -1.28 12.60
N GLY D 150 -14.23 -0.94 11.36
CA GLY D 150 -15.08 0.21 11.10
C GLY D 150 -16.38 0.10 11.86
N VAL D 151 -16.92 1.26 12.24
CA VAL D 151 -18.07 1.31 13.10
C VAL D 151 -19.31 1.57 12.25
N VAL D 152 -20.22 0.61 12.23
CA VAL D 152 -21.49 0.77 11.51
C VAL D 152 -22.41 1.67 12.35
N THR D 153 -22.85 2.79 11.78
CA THR D 153 -23.66 3.78 12.50
C THR D 153 -24.89 4.26 11.71
N SER D 154 -25.98 4.53 12.44
CA SER D 154 -27.23 5.00 11.84
C SER D 154 -28.12 5.67 12.90
N VAL D 155 -28.54 6.89 12.63
CA VAL D 155 -29.41 7.68 13.52
C VAL D 155 -29.00 7.66 15.00
N GLY D 156 -27.80 8.17 15.27
CA GLY D 156 -27.26 8.27 16.63
C GLY D 156 -27.15 6.93 17.34
N LYS D 157 -26.90 5.88 16.56
CA LYS D 157 -26.74 4.53 17.13
C LYS D 157 -25.51 3.83 16.59
N VAL D 158 -24.83 3.10 17.46
CA VAL D 158 -23.67 2.29 17.11
C VAL D 158 -24.12 0.83 17.10
N ILE D 159 -24.26 0.24 15.92
CA ILE D 159 -24.96 -1.05 15.75
C ILE D 159 -24.09 -2.26 15.37
N GLY D 160 -22.88 -2.01 14.89
CA GLY D 160 -21.97 -3.09 14.50
C GLY D 160 -20.52 -2.68 14.29
N ILE D 161 -19.67 -3.69 14.09
CA ILE D 161 -18.25 -3.50 13.79
C ILE D 161 -17.92 -4.29 12.53
N HIS D 162 -17.34 -3.63 11.53
CA HIS D 162 -17.02 -4.33 10.27
C HIS D 162 -15.96 -5.41 10.43
N ILE D 163 -16.29 -6.59 9.89
CA ILE D 163 -15.43 -7.77 10.03
C ILE D 163 -15.03 -8.50 8.73
N GLY D 164 -15.82 -8.37 7.66
CA GLY D 164 -15.57 -9.14 6.44
C GLY D 164 -16.40 -8.74 5.25
N GLY D 165 -16.05 -9.29 4.09
CA GLY D 165 -16.76 -9.03 2.84
C GLY D 165 -16.32 -9.90 1.68
N ASN D 166 -17.22 -10.12 0.74
CA ASN D 166 -17.01 -11.05 -0.38
C ASN D 166 -16.82 -10.35 -1.72
N GLY D 167 -16.50 -9.04 -1.67
CA GLY D 167 -16.34 -8.23 -2.87
C GLY D 167 -17.62 -7.51 -3.31
N ARG D 168 -18.77 -8.09 -2.98
CA ARG D 168 -20.06 -7.51 -3.35
C ARG D 168 -20.82 -6.99 -2.12
N GLN D 169 -20.66 -7.68 -1.00
CA GLN D 169 -21.34 -7.36 0.25
C GLN D 169 -20.35 -7.23 1.38
N GLY D 170 -20.76 -6.55 2.44
CA GLY D 170 -19.96 -6.42 3.65
C GLY D 170 -20.69 -7.00 4.85
N PHE D 171 -19.94 -7.43 5.86
CA PHE D 171 -20.52 -8.04 7.06
C PHE D 171 -19.94 -7.42 8.33
N CYS D 172 -20.84 -7.12 9.28
CA CYS D 172 -20.45 -6.64 10.61
C CYS D 172 -20.87 -7.64 11.69
N ALA D 173 -20.14 -7.61 12.79
CA ALA D 173 -20.60 -8.26 14.01
C ALA D 173 -21.54 -7.26 14.67
N GLY D 174 -22.73 -7.72 15.07
CA GLY D 174 -23.72 -6.86 15.72
C GLY D 174 -23.30 -6.46 17.12
N LEU D 175 -23.62 -5.22 17.48
CA LEU D 175 -23.33 -4.70 18.81
C LEU D 175 -24.58 -4.63 19.66
N LYS D 176 -24.43 -5.04 20.91
CA LYS D 176 -25.46 -4.87 21.92
C LYS D 176 -24.80 -4.42 23.24
N ARG D 177 -25.51 -3.56 23.97
CA ARG D 177 -24.97 -2.92 25.19
C ARG D 177 -24.49 -3.90 26.28
N SER D 178 -25.15 -5.05 26.38
CA SER D 178 -24.82 -6.06 27.40
C SER D 178 -23.34 -6.51 27.37
N TYR D 179 -22.75 -6.47 26.18
CA TYR D 179 -21.34 -6.83 25.99
C TYR D 179 -20.40 -5.97 26.82
N PHE D 180 -20.81 -4.74 27.11
CA PHE D 180 -19.92 -3.74 27.73
C PHE D 180 -20.23 -3.46 29.20
N ALA D 181 -20.99 -4.35 29.82
CA ALA D 181 -21.10 -4.40 31.26
C ALA D 181 -19.81 -5.00 31.82
C2 5EB E . -4.73 -13.31 5.26
C3 5EB E . -5.97 -13.38 6.13
C4 5EB E . -6.17 -14.73 6.77
C5 5EB E . -5.23 -15.70 6.75
C6 5EB E . -5.55 -16.91 7.36
C7 5EB E . -6.72 -17.20 8.03
N1 5EB E . -1.62 -8.56 2.82
N2 5EB E . -3.70 -12.56 5.97
C8 5EB E . -7.66 -16.21 8.07
O21 5EB E . -3.80 -13.51 7.92
C20 5EB E . -3.31 -12.69 7.16
C22 5EB E . -2.22 -11.73 7.47
C23 5EB E . -2.23 -11.40 8.93
C27 5EB E . -0.99 -11.87 9.65
C21 5EB E . 0.34 -11.86 8.93
C24 5EB E . -0.39 -13.18 9.20
C9 5EB E . -7.38 -15.00 7.44
C17 5EB E . -5.00 -12.53 4.04
O4 5EB E . -5.89 -11.70 4.05
N 5EB E . -4.24 -12.75 3.07
C10 5EB E . -4.38 -12.00 1.82
C14 5EB E . -4.66 -12.94 0.69
C15 5EB E . -6.07 -13.37 0.66
C16 5EB E . -7.06 -12.29 0.75
O2 5EB E . -7.54 -11.98 2.03
C18 5EB E . -8.92 -12.31 2.37
C19 5EB E . -9.92 -12.08 1.22
O3 5EB E . -7.51 -11.70 -0.20
C11 5EB E . -2.99 -11.41 1.59
C12 5EB E . -2.44 -10.71 2.81
C26 5EB E . -3.50 -9.84 3.50
C25 5EB E . -2.94 -8.42 3.44
C13 5EB E . -1.33 -9.77 2.43
O1 5EB E . -0.34 -10.13 1.81
C2 5EB F . 6.10 10.54 -8.78
C3 5EB F . 6.86 11.67 -8.11
C4 5EB F . 7.16 12.83 -9.01
C5 5EB F . 6.61 12.98 -10.26
C6 5EB F . 6.97 14.10 -11.00
C7 5EB F . 7.81 15.12 -10.58
N1 5EB F . 2.83 6.09 -6.30
N2 5EB F . 4.68 10.65 -8.48
C8 5EB F . 8.34 14.98 -9.31
O21 5EB F . 4.35 12.81 -8.49
C20 5EB F . 3.94 11.68 -8.36
C22 5EB F . 2.53 11.31 -8.05
C23 5EB F . 1.90 12.31 -7.13
C27 5EB F . 0.66 12.91 -7.74
C21 5EB F . -0.21 12.11 -8.71
C24 5EB F . 0.72 13.24 -9.23
C9 5EB F . 8.01 13.85 -8.54
C17 5EB F . 6.51 9.24 -8.20
O4 5EB F . 6.85 9.17 -7.02
N 5EB F . 6.43 8.22 -8.96
C10 5EB F . 6.74 6.91 -8.45
C14 5EB F . 7.60 6.27 -9.48
C15 5EB F . 9.05 6.57 -9.39
C16 5EB F . 9.62 6.72 -8.07
O2 5EB F . 9.37 7.96 -7.39
C18 5EB F . 10.38 8.39 -6.47
C19 5EB F . 10.16 7.80 -5.07
O3 5EB F . 10.33 5.79 -7.69
C11 5EB F . 5.41 6.15 -8.41
C12 5EB F . 4.26 6.98 -7.88
C26 5EB F . 4.59 7.65 -6.55
C25 5EB F . 3.69 6.98 -5.50
C13 5EB F . 3.10 6.06 -7.59
O1 5EB F . 2.54 5.41 -8.44
#